data_9GVG
#
_entry.id   9GVG
#
_cell.length_a   1.00
_cell.length_b   1.00
_cell.length_c   1.00
_cell.angle_alpha   90.00
_cell.angle_beta   90.00
_cell.angle_gamma   90.00
#
_symmetry.space_group_name_H-M   'P 1'
#
loop_
_entity.id
_entity.type
_entity.pdbx_description
1 polymer 'Heavy chain monoclonal antibody'
2 polymer 'Light chain monoclonal antibody'
3 polymer 'Uncharacterized protein MG075 homolog'
#
loop_
_entity_poly.entity_id
_entity_poly.type
_entity_poly.pdbx_seq_one_letter_code
_entity_poly.pdbx_strand_id
1 'polypeptide(L)'
;QVQLQQPGAELVKPGASVKLSCKASGYSFITYWMRWVRQRPGQGLEWIGQINPSNGHTNYDEKFKDRATLTVDKSSTTAY
LQLSSLTSDDSAVYFCARSWEAMDYWGQGTSVTVSSAKTTAPSVYPLAPVCGVTLGCLVKGYFPEPVTLTWNSGSLSSGV
HTFPAVLQSDLYTLSSSVTVTSSTWPSQSITCNVAHPASSTKVDKKIEPR
;
H
2 'polypeptide(L)'
;DIVLTQSPATLSVTPGDSVSLSCRASQGISNNLHWYQQKSHESPRLLIKYASQSFSGIPSRFSGSGSGTVFTLTINSVET
EDFGVYFCQQSYSWPIFTFGSGTNLQIKRADAAPTVSIFPPSSEQLTSGGASVVCFLNNFYPKDINVKWKIDGSERQNGV
LNSWTDQDSKDSTYSMSSTLTLTKDEYERHNSYTCEATHKTSTSPIVKSFNR
;
L
3 'polypeptide(L)'
;QPAAATRITVENGTDKLVNYKSSPQQLFLAKNALKDKLQGEFDKFLSDAKAFPALTADLQEWVDQQLFNPNQSFFDLSAP
RSNFTLSSDKKASLDFIFRFTNFTESVQLLKLPEGVSVVVDSKQSFDYYVNASAQKLLVLPLSLPDYTLGLNYMFDHITL
NGKVVNKFSFNPFKTNLNLAFSNVYNGVDVFEAQKNLVGKGKYLNTHVKAEDVKKDVNANIKNQFDIAKIIAELMGKALK
EFGNQQEGQPLSFLKVMDKVKEDFEKLFNLVRPGLGKFVKDLIQSSSQAENKITVYKLIFDNKKTILNLLKELSIPELNS
SLGLVDVLFDGITDSDGLYERLQSFKDLIVPAVKTNEKTAALSPLIEELLTQKDTYVFDLIQKHKGILTNLLKNFLADFQ
KSTPFMADQVAIFTELFDNEGAFDLFGEADFVDKIAELFLTKRTVKNGEKIETKDSLLVTSLKSLLGEKVAALGDLLDSY
IFKNELLNRSVEVAKAEAKDTKGATDYKKEQAKALKKLFKHIGENTLSKTNLDKITLKEVKNTENVELEETETTLKVKKL
DVEYKVELGNFEIKNGLIKAMLEFLPDTKDLETTLDKLLFKGESYKAMKDKYIKEGFPGYGWAKGVVPGAFESIENTFKS
AIDKTKSIRDLFGDMLFGNDLSSVKETDSFITLGGSFDIKYGGENLNVLPAYYSLINSEIGYQIIGVDTTIDATKVKVEL
KNKEYKGKSPAINGQVKLSQSFFNVWTNMFDSITKQIFQKKYEFKDNIQVFARNEDNTSRLELDISDPEQRVIPFAFVDG
FGIQLKAVD
;
P,A
#
# COMPACT_ATOMS: atom_id res chain seq x y z
N GLN A 1 -22.97 -7.57 14.69
CA GLN A 1 -24.23 -6.85 14.63
C GLN A 1 -25.13 -7.46 13.55
N VAL A 2 -24.53 -8.32 12.74
CA VAL A 2 -25.22 -8.93 11.61
C VAL A 2 -25.87 -10.23 12.06
N GLN A 3 -27.17 -10.36 11.79
CA GLN A 3 -27.91 -11.59 12.05
C GLN A 3 -28.52 -12.06 10.75
N LEU A 4 -27.97 -13.14 10.18
CA LEU A 4 -28.42 -13.66 8.90
C LEU A 4 -28.72 -15.14 9.07
N GLN A 5 -30.01 -15.47 9.14
CA GLN A 5 -30.45 -16.81 9.48
C GLN A 5 -31.96 -16.89 9.39
N GLN A 6 -32.48 -18.11 9.53
CA GLN A 6 -33.90 -18.40 9.71
C GLN A 6 -34.12 -19.86 10.11
N PRO A 7 -33.79 -20.84 9.26
CA PRO A 7 -34.29 -22.20 9.51
C PRO A 7 -33.41 -23.03 10.43
N GLY A 8 -33.74 -24.31 10.55
CA GLY A 8 -32.96 -25.28 11.29
C GLY A 8 -33.54 -26.67 11.22
N ALA A 9 -32.68 -27.67 10.99
CA ALA A 9 -33.08 -29.08 10.97
C ALA A 9 -34.14 -29.35 9.90
N GLU A 10 -33.72 -29.20 8.64
CA GLU A 10 -34.63 -29.39 7.53
C GLU A 10 -34.85 -30.88 7.23
N LEU A 11 -36.09 -31.23 6.92
CA LEU A 11 -36.47 -32.59 6.53
C LEU A 11 -37.08 -32.54 5.15
N VAL A 12 -36.56 -33.36 4.23
CA VAL A 12 -37.06 -33.40 2.86
C VAL A 12 -37.05 -34.84 2.37
N LYS A 13 -38.10 -35.20 1.63
CA LYS A 13 -38.19 -36.52 1.03
C LYS A 13 -37.34 -36.58 -0.25
N PRO A 14 -36.84 -37.76 -0.61
CA PRO A 14 -36.17 -37.91 -1.91
C PRO A 14 -37.14 -37.65 -3.04
N GLY A 15 -36.64 -37.00 -4.10
CA GLY A 15 -37.44 -36.70 -5.27
C GLY A 15 -38.18 -35.38 -5.22
N ALA A 16 -38.08 -34.64 -4.11
CA ALA A 16 -38.80 -33.38 -3.94
C ALA A 16 -37.80 -32.25 -3.80
N SER A 17 -38.14 -31.09 -4.36
CA SER A 17 -37.27 -29.93 -4.27
C SER A 17 -37.23 -29.41 -2.83
N VAL A 18 -36.10 -28.79 -2.47
CA VAL A 18 -35.88 -28.29 -1.13
C VAL A 18 -35.40 -26.85 -1.21
N LYS A 19 -35.86 -26.02 -0.28
CA LYS A 19 -35.58 -24.59 -0.28
C LYS A 19 -35.02 -24.22 1.09
N LEU A 20 -33.73 -23.88 1.13
CA LEU A 20 -33.11 -23.34 2.32
C LEU A 20 -33.09 -21.83 2.25
N SER A 21 -33.23 -21.18 3.40
CA SER A 21 -33.30 -19.73 3.48
C SER A 21 -32.25 -19.22 4.46
N CYS A 22 -31.86 -17.95 4.26
CA CYS A 22 -31.05 -17.24 5.26
C CYS A 22 -31.43 -15.76 5.14
N LYS A 23 -32.07 -15.25 6.17
CA LYS A 23 -32.61 -13.89 6.19
C LYS A 23 -31.65 -12.98 6.95
N ALA A 24 -31.12 -11.98 6.26
CA ALA A 24 -30.14 -11.07 6.82
C ALA A 24 -30.77 -9.75 7.26
N SER A 25 -30.12 -9.09 8.20
CA SER A 25 -30.59 -7.81 8.72
C SER A 25 -29.46 -7.12 9.45
N GLY A 26 -29.63 -5.81 9.66
CA GLY A 26 -28.68 -5.04 10.45
C GLY A 26 -27.54 -4.42 9.70
N TYR A 27 -27.63 -4.29 8.38
CA TYR A 27 -26.60 -3.63 7.58
C TYR A 27 -27.21 -3.35 6.21
N SER A 28 -26.38 -2.79 5.32
CA SER A 28 -26.81 -2.53 3.95
C SER A 28 -26.66 -3.82 3.15
N PHE A 29 -27.78 -4.45 2.83
CA PHE A 29 -27.80 -5.66 2.00
C PHE A 29 -27.31 -5.41 0.59
N ILE A 30 -26.92 -4.17 0.26
CA ILE A 30 -26.54 -3.82 -1.10
C ILE A 30 -25.02 -3.68 -1.26
N THR A 31 -24.24 -4.10 -0.25
CA THR A 31 -22.83 -3.75 -0.22
C THR A 31 -21.91 -4.92 0.13
N TYR A 32 -22.37 -6.16 0.04
CA TYR A 32 -21.51 -7.30 0.38
C TYR A 32 -21.92 -8.50 -0.46
N TRP A 33 -21.12 -9.56 -0.36
CA TRP A 33 -21.44 -10.83 -1.02
C TRP A 33 -22.08 -11.83 -0.06
N MET A 34 -23.19 -12.41 -0.49
CA MET A 34 -23.81 -13.54 0.17
C MET A 34 -23.12 -14.80 -0.30
N ARG A 35 -23.11 -15.81 0.56
CA ARG A 35 -22.29 -16.98 0.29
C ARG A 35 -23.03 -18.21 0.81
N TRP A 36 -22.87 -19.32 0.10
CA TRP A 36 -23.38 -20.59 0.61
C TRP A 36 -22.22 -21.59 0.67
N VAL A 37 -22.07 -22.26 1.81
CA VAL A 37 -20.96 -23.16 2.08
C VAL A 37 -21.49 -24.43 2.72
N ARG A 38 -20.86 -25.56 2.40
CA ARG A 38 -21.33 -26.87 2.80
C ARG A 38 -20.25 -27.63 3.57
N GLN A 39 -20.67 -28.43 4.53
CA GLN A 39 -19.75 -29.25 5.31
C GLN A 39 -20.41 -30.56 5.69
N ARG A 40 -19.73 -31.66 5.42
CA ARG A 40 -20.16 -32.95 5.94
C ARG A 40 -19.76 -33.04 7.41
N PRO A 41 -20.65 -33.51 8.29
CA PRO A 41 -20.33 -33.53 9.73
C PRO A 41 -19.06 -34.28 10.05
N GLY A 42 -18.05 -33.56 10.53
CA GLY A 42 -16.75 -34.14 10.84
C GLY A 42 -15.72 -34.08 9.74
N GLN A 43 -15.95 -33.27 8.70
CA GLN A 43 -15.03 -33.17 7.58
C GLN A 43 -14.90 -31.70 7.19
N GLY A 44 -14.28 -31.44 6.05
CA GLY A 44 -13.97 -30.10 5.61
C GLY A 44 -15.17 -29.37 5.02
N LEU A 45 -14.91 -28.13 4.61
CA LEU A 45 -15.93 -27.22 4.11
C LEU A 45 -15.90 -27.13 2.60
N GLU A 46 -17.08 -27.12 1.98
CA GLU A 46 -17.23 -27.04 0.53
C GLU A 46 -18.16 -25.88 0.18
N TRP A 47 -17.88 -25.24 -0.94
CA TRP A 47 -18.54 -24.01 -1.34
C TRP A 47 -19.82 -24.32 -2.10
N ILE A 48 -20.67 -23.30 -2.26
CA ILE A 48 -21.82 -23.44 -3.14
C ILE A 48 -21.89 -22.29 -4.14
N GLY A 49 -21.97 -21.05 -3.67
CA GLY A 49 -22.00 -19.94 -4.62
C GLY A 49 -22.26 -18.60 -3.95
N GLN A 50 -22.24 -17.57 -4.81
CA GLN A 50 -22.50 -16.17 -4.46
C GLN A 50 -23.38 -15.50 -5.50
N ILE A 51 -24.45 -14.85 -5.04
CA ILE A 51 -25.29 -13.97 -5.86
C ILE A 51 -25.82 -12.77 -5.07
N ASN A 52 -25.20 -11.59 -5.26
CA ASN A 52 -25.74 -10.31 -4.80
C ASN A 52 -24.84 -9.18 -5.30
N PRO A 53 -25.14 -7.88 -5.04
CA PRO A 53 -26.29 -7.30 -4.31
C PRO A 53 -27.53 -7.07 -5.17
N SER A 54 -27.32 -6.54 -6.36
CA SER A 54 -28.39 -6.32 -7.33
C SER A 54 -27.98 -6.70 -8.73
N ASN A 55 -26.68 -6.88 -8.97
CA ASN A 55 -26.16 -7.28 -10.27
C ASN A 55 -26.74 -8.63 -10.67
N GLY A 56 -27.17 -9.41 -9.70
CA GLY A 56 -27.78 -10.71 -9.94
C GLY A 56 -26.85 -11.67 -10.65
N HIS A 57 -25.56 -11.39 -10.61
CA HIS A 57 -24.59 -12.33 -11.16
C HIS A 57 -24.23 -13.36 -10.10
N THR A 58 -23.91 -14.56 -10.56
CA THR A 58 -23.68 -15.66 -9.64
C THR A 58 -22.35 -16.31 -9.98
N ASN A 59 -21.71 -16.88 -8.95
CA ASN A 59 -20.55 -17.73 -9.11
C ASN A 59 -20.77 -18.99 -8.28
N TYR A 60 -20.77 -20.14 -8.95
CA TYR A 60 -20.92 -21.45 -8.33
C TYR A 60 -19.61 -22.22 -8.41
N ASP A 61 -19.57 -23.34 -7.71
CA ASP A 61 -18.54 -24.34 -7.98
C ASP A 61 -18.92 -25.16 -9.20
N GLU A 62 -17.92 -25.57 -9.97
CA GLU A 62 -18.19 -26.49 -11.07
C GLU A 62 -18.71 -27.82 -10.55
N LYS A 63 -18.28 -28.24 -9.36
CA LYS A 63 -18.79 -29.47 -8.77
C LYS A 63 -20.22 -29.32 -8.28
N PHE A 64 -20.74 -28.09 -8.22
CA PHE A 64 -22.07 -27.84 -7.68
C PHE A 64 -22.93 -26.99 -8.62
N LYS A 65 -22.45 -26.72 -9.84
CA LYS A 65 -23.16 -25.78 -10.70
C LYS A 65 -24.49 -26.35 -11.20
N ASP A 66 -24.46 -27.59 -11.69
CA ASP A 66 -25.70 -28.28 -12.03
C ASP A 66 -26.52 -28.67 -10.80
N ARG A 67 -25.91 -28.59 -9.62
CA ARG A 67 -26.48 -29.17 -8.40
C ARG A 67 -27.42 -28.19 -7.69
N ALA A 68 -26.95 -26.96 -7.45
CA ALA A 68 -27.67 -26.01 -6.62
C ALA A 68 -28.03 -24.76 -7.41
N THR A 69 -29.08 -24.09 -6.94
CA THR A 69 -29.55 -22.83 -7.52
C THR A 69 -29.65 -21.80 -6.40
N LEU A 70 -29.17 -20.59 -6.67
CA LEU A 70 -29.19 -19.51 -5.69
C LEU A 70 -30.14 -18.41 -6.14
N THR A 71 -30.96 -17.93 -5.21
CA THR A 71 -31.86 -16.82 -5.46
C THR A 71 -31.77 -15.85 -4.30
N VAL A 72 -32.06 -14.58 -4.57
CA VAL A 72 -32.01 -13.54 -3.54
C VAL A 72 -33.32 -12.76 -3.57
N ASP A 73 -33.91 -12.57 -2.39
CA ASP A 73 -35.06 -11.69 -2.18
C ASP A 73 -34.50 -10.38 -1.64
N LYS A 74 -34.67 -9.32 -2.43
CA LYS A 74 -34.01 -8.05 -2.11
C LYS A 74 -34.78 -7.25 -1.08
N SER A 75 -36.11 -7.26 -1.17
CA SER A 75 -36.90 -6.46 -0.25
C SER A 75 -36.76 -6.96 1.19
N SER A 76 -36.79 -8.27 1.39
CA SER A 76 -36.70 -8.86 2.72
C SER A 76 -35.28 -9.29 3.08
N THR A 77 -34.31 -9.05 2.20
CA THR A 77 -32.90 -9.32 2.47
C THR A 77 -32.67 -10.78 2.85
N THR A 78 -32.97 -11.68 1.91
CA THR A 78 -32.88 -13.11 2.17
C THR A 78 -32.20 -13.80 0.98
N ALA A 79 -31.45 -14.86 1.24
CA ALA A 79 -30.88 -15.70 0.20
C ALA A 79 -31.42 -17.12 0.33
N TYR A 80 -31.34 -17.86 -0.77
CA TYR A 80 -31.96 -19.18 -0.83
C TYR A 80 -31.06 -20.21 -1.52
N LEU A 81 -31.25 -21.46 -1.14
CA LEU A 81 -30.54 -22.62 -1.67
C LEU A 81 -31.53 -23.64 -2.17
N GLN A 82 -31.49 -23.94 -3.48
CA GLN A 82 -32.45 -24.85 -4.09
C GLN A 82 -31.68 -25.88 -4.91
N LEU A 83 -31.44 -27.04 -4.31
CA LEU A 83 -30.77 -28.14 -4.98
C LEU A 83 -31.66 -29.37 -5.13
N SER A 84 -32.84 -29.37 -4.52
CA SER A 84 -33.74 -30.51 -4.54
C SER A 84 -33.10 -31.73 -3.89
N SER A 85 -33.72 -32.90 -4.08
CA SER A 85 -33.24 -34.14 -3.46
C SER A 85 -32.42 -34.96 -4.45
N LEU A 86 -31.64 -34.28 -5.28
CA LEU A 86 -30.93 -34.93 -6.38
C LEU A 86 -30.03 -36.07 -5.90
N THR A 87 -29.59 -36.00 -4.65
CA THR A 87 -28.66 -36.98 -4.11
C THR A 87 -29.21 -37.41 -2.75
N SER A 88 -28.66 -38.49 -2.18
CA SER A 88 -29.18 -39.01 -0.92
C SER A 88 -28.20 -38.80 0.24
N ASP A 89 -26.92 -39.06 0.01
CA ASP A 89 -25.93 -38.99 1.08
C ASP A 89 -25.71 -37.57 1.57
N ASP A 90 -26.24 -36.57 0.85
CA ASP A 90 -26.03 -35.17 1.18
C ASP A 90 -26.80 -34.75 2.43
N SER A 91 -27.34 -35.72 3.18
CA SER A 91 -28.09 -35.37 4.38
C SER A 91 -27.13 -34.82 5.43
N ALA A 92 -26.74 -33.56 5.28
CA ALA A 92 -25.74 -32.95 6.14
C ALA A 92 -26.14 -31.50 6.40
N VAL A 93 -25.20 -30.70 6.89
CA VAL A 93 -25.47 -29.36 7.37
C VAL A 93 -24.95 -28.34 6.36
N TYR A 94 -25.54 -27.15 6.35
CA TYR A 94 -25.18 -26.08 5.43
C TYR A 94 -24.93 -24.82 6.24
N PHE A 95 -24.37 -23.80 5.58
CA PHE A 95 -24.20 -22.49 6.17
C PHE A 95 -24.33 -21.40 5.13
N CYS A 96 -24.91 -20.27 5.54
CA CYS A 96 -25.06 -19.07 4.72
C CYS A 96 -24.26 -17.94 5.36
N ALA A 97 -23.49 -17.23 4.55
CA ALA A 97 -22.46 -16.34 5.06
C ALA A 97 -22.48 -15.00 4.34
N ARG A 98 -21.78 -14.05 4.95
CA ARG A 98 -21.64 -12.68 4.48
C ARG A 98 -20.17 -12.37 4.23
N SER A 99 -19.91 -11.28 3.53
CA SER A 99 -18.58 -10.97 3.02
C SER A 99 -17.54 -10.90 4.13
N TRP A 100 -16.43 -11.60 3.93
CA TRP A 100 -15.33 -11.55 4.90
C TRP A 100 -14.58 -10.23 4.86
N GLU A 101 -14.71 -9.47 3.77
CA GLU A 101 -13.90 -8.26 3.62
C GLU A 101 -14.21 -7.26 4.72
N ALA A 102 -15.47 -7.15 5.12
CA ALA A 102 -15.79 -6.47 6.38
C ALA A 102 -15.47 -7.37 7.56
N MET A 103 -16.16 -8.51 7.65
CA MET A 103 -15.67 -9.67 8.39
C MET A 103 -16.63 -10.83 8.11
N ASP A 104 -16.09 -12.04 8.19
CA ASP A 104 -16.80 -13.24 7.76
C ASP A 104 -17.84 -13.62 8.81
N TYR A 105 -19.02 -13.01 8.74
CA TYR A 105 -20.13 -13.47 9.56
C TYR A 105 -20.63 -14.83 9.08
N TRP A 106 -21.60 -15.37 9.80
CA TRP A 106 -22.10 -16.72 9.52
C TRP A 106 -23.52 -16.85 10.06
N GLY A 107 -24.20 -17.91 9.62
CA GLY A 107 -25.45 -18.30 10.21
C GLY A 107 -25.31 -19.57 11.05
N GLN A 108 -26.31 -19.82 11.90
CA GLN A 108 -26.22 -20.97 12.80
C GLN A 108 -26.29 -22.30 12.05
N GLY A 109 -26.65 -22.30 10.77
CA GLY A 109 -26.55 -23.50 9.98
C GLY A 109 -27.90 -24.13 9.72
N THR A 110 -27.91 -25.06 8.77
CA THR A 110 -29.12 -25.78 8.37
C THR A 110 -28.76 -27.24 8.14
N SER A 111 -29.27 -28.12 9.00
CA SER A 111 -29.03 -29.54 8.88
C SER A 111 -30.19 -30.17 8.11
N VAL A 112 -29.88 -30.89 7.04
CA VAL A 112 -30.87 -31.44 6.13
C VAL A 112 -30.80 -32.97 6.21
N THR A 113 -31.98 -33.61 6.21
CA THR A 113 -32.07 -35.06 6.14
C THR A 113 -32.90 -35.45 4.94
N VAL A 114 -32.30 -36.23 4.04
CA VAL A 114 -32.96 -36.67 2.82
C VAL A 114 -33.55 -38.05 3.12
N SER A 115 -34.80 -38.05 3.55
CA SER A 115 -35.52 -39.27 3.89
C SER A 115 -36.99 -38.94 4.03
N SER A 116 -37.80 -39.95 4.36
CA SER A 116 -39.24 -39.76 4.51
C SER A 116 -39.62 -39.20 5.87
N ALA A 117 -38.65 -39.01 6.77
CA ALA A 117 -38.86 -38.40 8.08
C ALA A 117 -39.88 -39.19 8.90
N LYS A 118 -39.52 -40.43 9.22
CA LYS A 118 -40.35 -41.29 10.05
C LYS A 118 -40.17 -40.84 11.50
N THR A 119 -40.93 -39.82 11.88
CA THR A 119 -40.78 -39.25 13.21
C THR A 119 -41.17 -40.26 14.29
N THR A 120 -40.44 -40.23 15.40
CA THR A 120 -40.68 -41.14 16.52
C THR A 120 -40.67 -40.34 17.81
N ALA A 121 -41.69 -40.52 18.64
CA ALA A 121 -41.74 -39.83 19.92
C ALA A 121 -40.67 -40.38 20.85
N PRO A 122 -40.06 -39.53 21.69
CA PRO A 122 -39.04 -40.02 22.61
C PRO A 122 -39.62 -40.90 23.70
N SER A 123 -38.80 -41.82 24.19
CA SER A 123 -39.12 -42.65 25.35
C SER A 123 -38.17 -42.27 26.47
N VAL A 124 -38.72 -41.96 27.64
CA VAL A 124 -37.95 -41.39 28.74
C VAL A 124 -37.85 -42.44 29.85
N TYR A 125 -36.63 -42.67 30.32
CA TYR A 125 -36.36 -43.59 31.42
C TYR A 125 -35.55 -42.88 32.51
N PRO A 126 -35.99 -42.90 33.76
CA PRO A 126 -35.18 -42.33 34.84
C PRO A 126 -34.08 -43.31 35.27
N LEU A 127 -32.93 -42.75 35.61
CA LEU A 127 -31.80 -43.55 36.05
C LEU A 127 -31.72 -43.60 37.58
N ALA A 128 -32.65 -44.30 38.21
CA ALA A 128 -32.66 -44.44 39.66
C ALA A 128 -31.42 -45.17 40.14
N PRO A 129 -30.64 -44.58 41.04
CA PRO A 129 -29.42 -45.24 41.51
C PRO A 129 -29.65 -46.14 42.71
N VAL A 130 -30.67 -46.99 42.63
CA VAL A 130 -31.04 -47.91 43.71
C VAL A 130 -31.16 -47.14 45.01
N CYS A 131 -32.17 -46.28 45.10
CA CYS A 131 -32.40 -45.40 46.25
C CYS A 131 -31.13 -44.55 46.46
N GLY A 132 -30.86 -44.16 47.70
CA GLY A 132 -29.67 -43.40 48.02
C GLY A 132 -29.67 -42.00 47.41
N VAL A 133 -25.46 -37.51 45.69
CA VAL A 133 -26.38 -38.34 44.92
C VAL A 133 -26.29 -38.00 43.44
N THR A 134 -26.22 -39.02 42.61
CA THR A 134 -26.17 -38.86 41.15
C THR A 134 -27.39 -39.52 40.53
N LEU A 135 -28.13 -38.75 39.74
CA LEU A 135 -29.30 -39.23 39.02
C LEU A 135 -29.07 -39.05 37.53
N GLY A 136 -29.93 -39.67 36.73
CA GLY A 136 -29.80 -39.59 35.29
C GLY A 136 -31.13 -39.61 34.58
N CYS A 137 -31.07 -39.32 33.29
CA CYS A 137 -32.26 -39.27 32.44
C CYS A 137 -31.87 -39.77 31.06
N LEU A 138 -32.57 -40.78 30.56
CA LEU A 138 -32.28 -41.39 29.27
C LEU A 138 -33.44 -41.16 28.32
N VAL A 139 -33.15 -40.60 27.15
CA VAL A 139 -34.15 -40.36 26.12
C VAL A 139 -33.77 -41.22 24.92
N LYS A 140 -34.67 -42.09 24.49
CA LYS A 140 -34.33 -43.11 23.51
C LYS A 140 -35.40 -43.16 22.42
N GLY A 141 -34.96 -43.45 21.21
CA GLY A 141 -35.89 -43.72 20.12
C GLY A 141 -36.69 -42.52 19.65
N TYR A 142 -36.07 -41.35 19.57
CA TYR A 142 -36.73 -40.15 19.07
C TYR A 142 -36.11 -39.72 17.75
N PHE A 143 -36.86 -38.91 17.01
CA PHE A 143 -36.47 -38.49 15.67
C PHE A 143 -37.36 -37.35 15.20
N PRO A 144 -36.81 -36.33 14.54
CA PRO A 144 -35.37 -36.05 14.40
C PRO A 144 -34.80 -35.24 15.56
N GLU A 145 -33.56 -34.78 15.36
CA GLU A 145 -32.95 -33.79 16.25
C GLU A 145 -33.68 -32.46 16.09
N PRO A 146 -33.70 -31.60 17.14
CA PRO A 146 -33.23 -31.79 18.51
C PRO A 146 -34.32 -31.96 19.56
N VAL A 147 -33.90 -32.13 20.80
CA VAL A 147 -34.78 -32.22 21.96
CA VAL A 147 -34.79 -32.21 21.96
C VAL A 147 -34.16 -31.42 23.09
N THR A 148 -34.99 -30.69 23.83
CA THR A 148 -34.51 -29.88 24.95
C THR A 148 -34.76 -30.62 26.26
N LEU A 149 -33.71 -30.79 27.05
CA LEU A 149 -33.79 -31.50 28.32
C LEU A 149 -33.37 -30.56 29.45
N THR A 150 -34.20 -30.50 30.49
CA THR A 150 -33.93 -29.69 31.66
C THR A 150 -34.22 -30.50 32.92
N TRP A 151 -33.70 -30.02 34.05
CA TRP A 151 -33.96 -30.64 35.34
C TRP A 151 -34.79 -29.66 36.17
N ASN A 152 -35.97 -30.12 36.62
CA ASN A 152 -36.92 -29.27 37.34
C ASN A 152 -37.21 -28.00 36.55
N SER A 153 -37.51 -28.17 35.26
CA SER A 153 -37.78 -27.07 34.34
C SER A 153 -36.60 -26.12 34.24
N GLY A 154 -35.38 -26.64 34.38
CA GLY A 154 -34.19 -25.83 34.30
C GLY A 154 -33.76 -25.18 35.59
N SER A 155 -34.54 -25.30 36.65
CA SER A 155 -34.16 -24.70 37.93
C SER A 155 -32.93 -25.39 38.52
N LEU A 156 -32.75 -26.68 38.24
CA LEU A 156 -31.58 -27.43 38.69
C LEU A 156 -30.59 -27.49 37.54
N SER A 157 -29.53 -26.69 37.63
CA SER A 157 -28.52 -26.62 36.59
C SER A 157 -27.11 -26.93 37.06
N SER A 158 -26.79 -26.68 38.33
CA SER A 158 -25.47 -27.00 38.85
C SER A 158 -25.26 -28.51 38.89
N GLY A 159 -24.07 -28.95 38.48
CA GLY A 159 -23.76 -30.36 38.47
C GLY A 159 -24.51 -31.15 37.41
N VAL A 160 -24.93 -30.49 36.33
CA VAL A 160 -25.70 -31.13 35.27
C VAL A 160 -24.81 -31.27 34.04
N HIS A 161 -24.67 -32.50 33.54
CA HIS A 161 -23.94 -32.79 32.33
C HIS A 161 -24.90 -33.44 31.34
N THR A 162 -25.20 -32.74 30.26
CA THR A 162 -26.06 -33.26 29.21
C THR A 162 -25.19 -33.84 28.09
N PHE A 163 -25.53 -35.05 27.65
CA PHE A 163 -24.61 -35.66 26.71
C PHE A 163 -25.20 -35.68 25.30
N PRO A 164 -24.34 -35.55 24.28
CA PRO A 164 -24.85 -35.37 22.91
C PRO A 164 -25.61 -36.59 22.41
N ALA A 165 -26.54 -36.33 21.49
CA ALA A 165 -27.34 -37.38 20.89
C ALA A 165 -26.51 -38.19 19.90
N VAL A 166 -26.93 -39.44 19.69
CA VAL A 166 -26.31 -40.35 18.74
C VAL A 166 -27.41 -40.99 17.91
N LEU A 167 -27.14 -41.18 16.62
CA LEU A 167 -28.07 -41.85 15.71
C LEU A 167 -27.62 -43.28 15.48
N GLN A 168 -28.53 -44.23 15.70
CA GLN A 168 -28.27 -45.64 15.55
C GLN A 168 -29.58 -46.31 15.12
N SER A 169 -29.49 -47.18 14.11
CA SER A 169 -30.67 -47.88 13.58
C SER A 169 -31.80 -46.89 13.30
N ASP A 170 -31.43 -45.72 12.78
CA ASP A 170 -32.35 -44.65 12.39
C ASP A 170 -33.12 -44.05 13.56
N LEU A 171 -32.55 -44.10 14.77
CA LEU A 171 -33.17 -43.51 15.95
C LEU A 171 -32.12 -42.78 16.77
N TYR A 172 -32.56 -41.82 17.57
CA TYR A 172 -31.65 -41.01 18.37
C TYR A 172 -31.71 -41.37 19.85
N THR A 173 -30.55 -41.27 20.49
CA THR A 173 -30.41 -41.52 21.92
C THR A 173 -29.63 -40.38 22.56
N LEU A 174 -30.11 -39.90 23.69
CA LEU A 174 -29.46 -38.85 24.46
C LEU A 174 -29.53 -39.20 25.94
N SER A 175 -28.54 -38.76 26.70
CA SER A 175 -28.48 -39.02 28.13
C SER A 175 -28.05 -37.76 28.87
N SER A 176 -28.47 -37.67 30.13
CA SER A 176 -28.06 -36.56 30.97
C SER A 176 -27.88 -37.05 32.40
N SER A 177 -26.97 -36.41 33.13
CA SER A 177 -26.67 -36.76 34.51
C SER A 177 -26.71 -35.51 35.37
N VAL A 178 -27.16 -35.67 36.61
CA VAL A 178 -27.24 -34.58 37.57
C VAL A 178 -26.63 -35.06 38.89
N THR A 179 -25.82 -34.21 39.51
CA THR A 179 -25.17 -34.54 40.77
C THR A 179 -25.64 -33.57 41.85
N VAL A 180 -26.14 -34.13 42.96
CA VAL A 180 -26.58 -33.34 44.10
C VAL A 180 -25.98 -33.94 45.36
N THR A 181 -26.05 -33.18 46.46
CA THR A 181 -25.55 -33.65 47.73
C THR A 181 -26.41 -34.81 48.25
N SER A 182 -25.79 -35.67 49.06
CA SER A 182 -26.46 -36.87 49.55
C SER A 182 -27.63 -36.56 50.46
N SER A 183 -27.70 -35.35 51.02
CA SER A 183 -28.74 -34.99 51.98
C SER A 183 -30.00 -34.48 51.32
N THR A 184 -30.01 -34.29 50.00
CA THR A 184 -31.18 -33.77 49.30
C THR A 184 -32.04 -34.86 48.67
N TRP A 185 -31.43 -35.87 48.06
CA TRP A 185 -32.19 -36.93 47.42
C TRP A 185 -32.17 -38.19 48.29
N PRO A 186 -33.29 -38.93 48.37
CA PRO A 186 -34.58 -38.72 47.68
C PRO A 186 -35.51 -37.77 48.41
N SER A 187 -35.02 -37.02 49.41
CA SER A 187 -35.87 -36.08 50.12
C SER A 187 -36.39 -34.99 49.20
N GLN A 188 -35.53 -34.48 48.31
CA GLN A 188 -35.91 -33.44 47.37
C GLN A 188 -36.37 -34.05 46.07
N SER A 189 -37.54 -33.64 45.58
CA SER A 189 -38.06 -34.14 44.32
C SER A 189 -37.25 -33.59 43.16
N ILE A 190 -36.85 -34.47 42.24
CA ILE A 190 -36.09 -34.10 41.06
C ILE A 190 -36.80 -34.70 39.84
N THR A 191 -37.09 -33.86 38.86
CA THR A 191 -37.84 -34.28 37.68
C THR A 191 -37.09 -33.91 36.41
N CYS A 192 -37.04 -34.84 35.46
CA CYS A 192 -36.47 -34.62 34.14
C CYS A 192 -37.58 -34.13 33.21
N ASN A 193 -37.30 -33.05 32.49
CA ASN A 193 -38.28 -32.39 31.62
C ASN A 193 -37.74 -32.44 30.20
N VAL A 194 -38.45 -33.13 29.31
CA VAL A 194 -38.01 -33.38 27.94
C VAL A 194 -39.03 -32.78 26.99
N ALA A 195 -38.57 -31.99 26.03
CA ALA A 195 -39.43 -31.36 25.04
C ALA A 195 -38.93 -31.71 23.65
N HIS A 196 -39.84 -32.22 22.82
CA HIS A 196 -39.55 -32.57 21.43
C HIS A 196 -40.43 -31.70 20.52
N PRO A 197 -39.88 -30.64 19.93
CA PRO A 197 -40.72 -29.76 19.10
C PRO A 197 -41.24 -30.41 17.84
N ALA A 198 -40.51 -31.36 17.26
CA ALA A 198 -41.00 -32.04 16.07
C ALA A 198 -42.30 -32.77 16.35
N SER A 199 -42.35 -33.51 17.45
CA SER A 199 -43.60 -34.07 17.95
C SER A 199 -44.32 -33.12 18.88
N SER A 200 -43.67 -32.03 19.29
CA SER A 200 -44.25 -31.03 20.18
C SER A 200 -44.76 -31.67 21.47
N THR A 201 -43.98 -32.60 22.01
CA THR A 201 -44.36 -33.35 23.20
C THR A 201 -43.49 -32.95 24.38
N LYS A 202 -44.13 -32.75 25.52
CA LYS A 202 -43.44 -32.44 26.77
C LYS A 202 -43.69 -33.54 27.78
N VAL A 203 -42.61 -34.12 28.31
CA VAL A 203 -42.68 -35.26 29.22
C VAL A 203 -41.95 -34.87 30.51
N ASP A 204 -42.60 -35.10 31.64
CA ASP A 204 -42.02 -34.89 32.95
C ASP A 204 -41.92 -36.22 33.67
N LYS A 205 -40.71 -36.58 34.10
CA LYS A 205 -40.46 -37.86 34.74
C LYS A 205 -39.79 -37.62 36.09
N LYS A 206 -40.48 -38.00 37.16
CA LYS A 206 -39.93 -37.88 38.50
C LYS A 206 -39.00 -39.06 38.80
N ILE A 207 -37.83 -38.76 39.38
CA ILE A 207 -36.88 -39.80 39.75
C ILE A 207 -37.35 -40.43 41.06
N GLU A 208 -37.58 -41.74 41.04
CA GLU A 208 -38.09 -42.43 42.22
C GLU A 208 -37.11 -43.50 42.67
N PRO A 209 -37.01 -43.74 43.98
CA PRO A 209 -36.13 -44.80 44.47
C PRO A 209 -36.59 -46.17 43.99
N ARG A 210 -35.61 -47.05 43.78
CA ARG A 210 -35.90 -48.41 43.34
C ARG A 210 -36.47 -49.25 44.48
N ASP B 1 -3.99 -24.72 -8.70
CA ASP B 1 -4.67 -24.24 -7.51
C ASP B 1 -3.69 -24.09 -6.36
N ILE B 2 -4.03 -23.23 -5.41
CA ILE B 2 -3.19 -22.98 -4.25
C ILE B 2 -3.59 -23.92 -3.13
N VAL B 3 -2.63 -24.69 -2.62
CA VAL B 3 -2.86 -25.61 -1.52
C VAL B 3 -2.10 -25.10 -0.32
N LEU B 4 -2.81 -24.92 0.79
CA LEU B 4 -2.20 -24.49 2.05
C LEU B 4 -1.88 -25.71 2.89
N THR B 5 -0.66 -25.77 3.40
CA THR B 5 -0.20 -26.87 4.22
C THR B 5 0.06 -26.35 5.64
N GLN B 6 -0.57 -26.98 6.62
CA GLN B 6 -0.42 -26.60 8.01
C GLN B 6 0.45 -27.62 8.74
N SER B 7 1.17 -27.15 9.76
CA SER B 7 1.97 -28.06 10.55
C SER B 7 2.12 -27.51 11.95
N PRO B 8 2.01 -28.33 12.99
CA PRO B 8 1.70 -29.78 12.98
C PRO B 8 0.20 -30.03 12.89
N ALA B 9 -0.20 -31.29 12.69
CA ALA B 9 -1.62 -31.61 12.63
C ALA B 9 -2.29 -31.48 14.00
N THR B 10 -1.58 -31.86 15.07
CA THR B 10 -2.12 -31.86 16.41
C THR B 10 -1.25 -30.99 17.30
N LEU B 11 -1.89 -30.31 18.25
CA LEU B 11 -1.20 -29.37 19.15
C LEU B 11 -1.73 -29.56 20.56
N SER B 12 -0.92 -30.18 21.42
CA SER B 12 -1.27 -30.41 22.81
C SER B 12 -0.32 -29.62 23.69
N VAL B 13 -0.87 -28.71 24.50
CA VAL B 13 -0.08 -27.77 25.30
C VAL B 13 -0.68 -27.68 26.70
N THR B 14 -0.12 -26.78 27.49
CA THR B 14 -0.59 -26.45 28.83
C THR B 14 -1.15 -25.02 28.83
N PRO B 15 -2.03 -24.69 29.78
CA PRO B 15 -2.60 -23.34 29.77
C PRO B 15 -1.55 -22.26 29.91
N GLY B 16 -1.75 -21.16 29.19
CA GLY B 16 -0.87 -20.01 29.25
C GLY B 16 0.36 -20.10 28.37
N ASP B 17 0.54 -21.18 27.64
CA ASP B 17 1.74 -21.33 26.82
C ASP B 17 1.73 -20.36 25.64
N SER B 18 2.93 -19.96 25.23
CA SER B 18 3.14 -19.21 23.99
C SER B 18 3.42 -20.23 22.89
N VAL B 19 2.46 -20.40 21.99
CA VAL B 19 2.52 -21.44 20.98
C VAL B 19 2.31 -20.79 19.61
N SER B 20 2.68 -21.52 18.57
CA SER B 20 2.54 -21.02 17.21
C SER B 20 1.95 -22.10 16.31
N LEU B 21 1.34 -21.64 15.23
CA LEU B 21 0.83 -22.48 14.16
C LEU B 21 1.45 -22.00 12.85
N SER B 22 1.90 -22.96 12.05
CA SER B 22 2.63 -22.68 10.82
C SER B 22 1.78 -23.08 9.62
N CYS B 23 1.55 -22.13 8.70
CA CYS B 23 0.84 -22.39 7.46
C CYS B 23 1.71 -21.92 6.31
N ARG B 24 2.02 -22.83 5.39
CA ARG B 24 2.89 -22.55 4.25
C ARG B 24 2.14 -22.83 2.96
N ALA B 25 2.42 -22.04 1.93
CA ALA B 25 1.81 -22.21 0.62
C ALA B 25 2.86 -22.70 -0.38
N SER B 26 2.40 -22.97 -1.60
CA SER B 26 3.30 -23.35 -2.68
C SER B 26 3.89 -22.15 -3.40
N GLN B 27 3.14 -21.06 -3.47
CA GLN B 27 3.63 -19.83 -4.08
C GLN B 27 3.11 -18.64 -3.29
N GLY B 28 3.82 -17.52 -3.41
CA GLY B 28 3.50 -16.37 -2.57
C GLY B 28 2.13 -15.82 -2.89
N ILE B 29 1.49 -15.27 -1.86
CA ILE B 29 0.14 -14.71 -1.99
C ILE B 29 0.12 -13.31 -1.40
N SER B 30 1.28 -12.67 -1.32
CA SER B 30 1.45 -11.38 -0.66
C SER B 30 0.85 -11.51 0.73
N ASN B 31 -0.18 -10.73 1.08
CA ASN B 31 -0.85 -10.84 2.36
C ASN B 31 -2.27 -11.38 2.24
N ASN B 32 -2.52 -12.24 1.26
CA ASN B 32 -3.87 -12.73 0.97
C ASN B 32 -4.13 -14.03 1.75
N LEU B 33 -4.15 -13.90 3.07
CA LEU B 33 -4.36 -15.05 3.95
CA LEU B 33 -4.31 -15.04 3.97
C LEU B 33 -5.19 -14.63 5.15
N HIS B 34 -5.77 -15.62 5.80
CA HIS B 34 -6.62 -15.41 6.96
C HIS B 34 -6.50 -16.62 7.88
N TRP B 35 -6.76 -16.39 9.16
CA TRP B 35 -6.74 -17.44 10.18
C TRP B 35 -8.11 -17.47 10.86
N TYR B 36 -8.75 -18.65 10.83
CA TYR B 36 -10.08 -18.87 11.37
C TYR B 36 -10.00 -19.90 12.49
N GLN B 37 -10.82 -19.70 13.52
CA GLN B 37 -10.97 -20.62 14.64
C GLN B 37 -12.31 -21.33 14.52
N GLN B 38 -12.30 -22.65 14.72
CA GLN B 38 -13.53 -23.44 14.70
C GLN B 38 -13.48 -24.40 15.87
N LYS B 39 -14.43 -24.30 16.77
CA LYS B 39 -14.55 -25.30 17.81
C LYS B 39 -15.60 -26.33 17.41
N SER B 40 -15.66 -27.41 18.18
CA SER B 40 -16.35 -28.61 17.75
C SER B 40 -17.86 -28.38 17.62
N HIS B 41 -18.36 -28.61 16.40
CA HIS B 41 -19.80 -28.63 16.10
C HIS B 41 -20.43 -27.23 16.11
N GLU B 42 -19.71 -26.24 15.60
CA GLU B 42 -20.35 -25.00 15.20
C GLU B 42 -19.54 -24.30 14.13
N SER B 43 -20.00 -23.11 13.77
CA SER B 43 -19.43 -22.33 12.68
C SER B 43 -18.04 -21.82 13.04
N PRO B 44 -17.23 -21.47 12.05
CA PRO B 44 -15.89 -20.96 12.33
C PRO B 44 -15.92 -19.53 12.86
N ARG B 45 -14.83 -19.15 13.51
CA ARG B 45 -14.58 -17.77 13.93
C ARG B 45 -13.29 -17.31 13.27
N LEU B 46 -13.40 -16.42 12.30
CA LEU B 46 -12.21 -15.80 11.73
C LEU B 46 -11.45 -15.08 12.83
N LEU B 47 -10.13 -15.28 12.86
CA LEU B 47 -9.31 -14.71 13.91
C LEU B 47 -8.44 -13.56 13.40
N ILE B 48 -7.62 -13.82 12.39
CA ILE B 48 -6.64 -12.85 11.93
C ILE B 48 -6.84 -12.63 10.44
N LYS B 49 -6.84 -11.36 10.03
CA LYS B 49 -7.01 -10.99 8.64
C LYS B 49 -5.68 -10.61 8.02
N TYR B 50 -5.51 -10.95 6.75
CA TYR B 50 -4.46 -10.40 5.89
C TYR B 50 -3.06 -10.77 6.36
N ALA B 51 -2.97 -11.71 7.32
CA ALA B 51 -1.71 -12.18 7.90
C ALA B 51 -1.04 -11.10 8.74
N SER B 52 -1.62 -9.90 8.77
CA SER B 52 -1.08 -8.81 9.57
C SER B 52 -2.14 -8.02 10.32
N GLN B 53 -3.42 -8.20 10.02
CA GLN B 53 -4.48 -7.42 10.65
C GLN B 53 -5.28 -8.32 11.58
N SER B 54 -5.32 -7.95 12.86
CA SER B 54 -6.25 -8.56 13.78
C SER B 54 -7.65 -8.02 13.51
N PHE B 55 -8.61 -8.46 14.33
CA PHE B 55 -9.97 -7.97 14.22
C PHE B 55 -10.58 -7.82 15.60
N SER B 56 -11.52 -6.88 15.71
CA SER B 56 -12.10 -6.49 16.98
C SER B 56 -12.80 -7.65 17.68
N GLY B 57 -12.96 -7.52 18.98
CA GLY B 57 -13.64 -8.55 19.76
C GLY B 57 -12.71 -9.69 20.11
N ILE B 58 -11.87 -10.08 19.16
CA ILE B 58 -10.86 -11.10 19.42
C ILE B 58 -9.92 -10.60 20.51
N PRO B 59 -9.59 -11.40 21.52
CA PRO B 59 -8.68 -10.94 22.56
C PRO B 59 -7.30 -10.63 22.00
N SER B 60 -6.62 -9.67 22.63
CA SER B 60 -5.34 -9.21 22.14
C SER B 60 -4.25 -10.27 22.24
N ARG B 61 -4.50 -11.36 22.99
CA ARG B 61 -3.46 -12.36 23.20
C ARG B 61 -3.02 -13.02 21.91
N PHE B 62 -3.85 -12.94 20.86
CA PHE B 62 -3.49 -13.54 19.59
C PHE B 62 -2.73 -12.54 18.73
N SER B 63 -1.83 -13.05 17.89
CA SER B 63 -1.10 -12.21 16.95
C SER B 63 -0.71 -13.04 15.75
N GLY B 64 -0.24 -12.36 14.70
CA GLY B 64 0.11 -13.04 13.47
C GLY B 64 1.31 -12.39 12.80
N SER B 65 1.99 -13.20 12.00
CA SER B 65 3.12 -12.75 11.20
C SER B 65 3.01 -13.39 9.81
N GLY B 66 3.51 -12.68 8.81
CA GLY B 66 3.40 -13.16 7.44
C GLY B 66 4.47 -12.66 6.49
N SER B 67 5.08 -13.61 5.77
CA SER B 67 6.06 -13.27 4.74
C SER B 67 5.97 -14.34 3.65
N GLY B 68 5.70 -13.90 2.42
CA GLY B 68 5.71 -14.79 1.28
C GLY B 68 4.72 -15.93 1.44
N THR B 69 5.25 -17.13 1.68
CA THR B 69 4.42 -18.30 1.91
C THR B 69 4.41 -18.76 3.36
N VAL B 70 5.40 -18.38 4.16
CA VAL B 70 5.55 -18.90 5.52
C VAL B 70 4.83 -17.95 6.45
N PHE B 71 3.62 -18.31 6.88
CA PHE B 71 2.80 -17.46 7.70
C PHE B 71 2.60 -18.14 9.05
N THR B 72 2.57 -17.36 10.12
CA THR B 72 2.56 -17.90 11.46
C THR B 72 1.49 -17.23 12.30
N LEU B 73 0.74 -18.03 13.06
CA LEU B 73 -0.19 -17.55 14.06
C LEU B 73 0.41 -17.79 15.43
N THR B 74 0.25 -16.83 16.34
CA THR B 74 0.87 -16.90 17.65
C THR B 74 -0.17 -16.70 18.74
N ILE B 75 -0.18 -17.62 19.70
CA ILE B 75 -1.01 -17.56 20.90
C ILE B 75 -0.07 -17.29 22.06
N ASN B 76 -0.08 -16.05 22.55
CA ASN B 76 0.81 -15.70 23.66
C ASN B 76 0.43 -16.47 24.93
N SER B 77 -0.86 -16.57 25.22
CA SER B 77 -1.34 -17.27 26.41
C SER B 77 -2.43 -18.25 25.99
N VAL B 78 -2.19 -19.53 26.25
CA VAL B 78 -3.17 -20.56 25.95
C VAL B 78 -4.18 -20.63 27.09
N GLU B 79 -5.46 -20.59 26.75
CA GLU B 79 -6.53 -20.75 27.73
C GLU B 79 -7.53 -21.78 27.21
N THR B 80 -8.46 -22.15 28.09
CA THR B 80 -9.28 -23.34 27.88
C THR B 80 -10.22 -23.22 26.68
N GLU B 81 -10.87 -22.07 26.50
CA GLU B 81 -11.82 -21.95 25.39
C GLU B 81 -11.15 -21.51 24.10
N ASP B 82 -9.82 -21.52 24.02
CA ASP B 82 -9.12 -21.44 22.74
C ASP B 82 -8.96 -22.80 22.08
N PHE B 83 -9.26 -23.90 22.77
CA PHE B 83 -9.00 -25.21 22.22
C PHE B 83 -9.98 -25.53 21.09
N GLY B 84 -9.44 -26.00 19.98
CA GLY B 84 -10.27 -26.33 18.83
C GLY B 84 -9.41 -26.47 17.59
N VAL B 85 -10.08 -26.63 16.46
CA VAL B 85 -9.40 -26.75 15.18
C VAL B 85 -9.26 -25.35 14.59
N TYR B 86 -8.25 -25.17 13.77
CA TYR B 86 -7.96 -23.87 13.18
C TYR B 86 -7.61 -24.05 11.72
N PHE B 87 -7.99 -23.06 10.91
CA PHE B 87 -7.82 -23.14 9.46
C PHE B 87 -7.13 -21.89 8.95
N CYS B 88 -6.10 -22.07 8.12
CA CYS B 88 -5.56 -20.95 7.35
C CYS B 88 -6.18 -20.97 5.95
N GLN B 89 -6.45 -19.79 5.43
CA GLN B 89 -7.31 -19.62 4.27
C GLN B 89 -6.81 -18.49 3.38
N GLN B 90 -6.49 -18.80 2.13
CA GLN B 90 -5.93 -17.81 1.23
C GLN B 90 -7.03 -17.00 0.56
N SER B 91 -6.66 -15.79 0.11
CA SER B 91 -7.58 -14.90 -0.59
C SER B 91 -6.93 -14.27 -1.81
N TYR B 92 -5.93 -14.94 -2.38
CA TYR B 92 -5.30 -14.43 -3.60
C TYR B 92 -6.28 -14.44 -4.77
N SER B 93 -7.09 -15.49 -4.88
CA SER B 93 -8.07 -15.62 -5.95
C SER B 93 -9.27 -16.37 -5.37
N TRP B 94 -10.42 -16.21 -6.02
CA TRP B 94 -11.56 -16.88 -5.43
C TRP B 94 -12.29 -17.85 -6.38
N PRO B 95 -11.57 -18.72 -7.09
CA PRO B 95 -11.97 -20.12 -7.09
C PRO B 95 -11.51 -20.70 -5.77
N ILE B 96 -12.41 -21.41 -5.08
CA ILE B 96 -12.47 -21.24 -3.63
C ILE B 96 -11.17 -21.33 -2.86
N PHE B 97 -10.73 -20.18 -2.35
CA PHE B 97 -10.51 -19.97 -0.93
C PHE B 97 -10.14 -21.25 -0.20
N THR B 98 -9.09 -21.93 -0.64
CA THR B 98 -8.75 -23.21 -0.06
C THR B 98 -8.48 -23.06 1.44
N PHE B 99 -9.07 -23.94 2.22
CA PHE B 99 -8.69 -24.09 3.62
C PHE B 99 -7.63 -25.17 3.75
N GLY B 100 -7.00 -25.22 4.91
CA GLY B 100 -5.95 -26.17 5.15
C GLY B 100 -6.49 -27.56 5.45
N SER B 101 -5.57 -28.45 5.83
CA SER B 101 -5.95 -29.78 6.26
C SER B 101 -6.43 -29.81 7.70
N GLY B 102 -6.27 -28.72 8.44
CA GLY B 102 -6.78 -28.62 9.79
C GLY B 102 -5.71 -28.86 10.84
N THR B 103 -5.82 -28.10 11.93
CA THR B 103 -4.95 -28.26 13.09
C THR B 103 -5.80 -28.11 14.34
N ASN B 104 -5.93 -29.20 15.10
CA ASN B 104 -6.79 -29.23 16.28
C ASN B 104 -5.98 -28.97 17.56
N LEU B 105 -6.18 -27.79 18.14
CA LEU B 105 -5.52 -27.45 19.40
C LEU B 105 -6.07 -28.33 20.51
N GLN B 106 -5.20 -28.73 21.42
CA GLN B 106 -5.58 -29.68 22.47
C GLN B 106 -4.70 -29.42 23.69
N ILE B 107 -5.11 -29.97 24.84
CA ILE B 107 -4.43 -29.71 26.09
C ILE B 107 -3.62 -30.93 26.50
N LYS B 108 -2.67 -30.72 27.42
CA LYS B 108 -1.88 -31.80 28.01
C LYS B 108 -1.66 -31.47 29.49
N ARG B 109 -2.58 -31.94 30.34
CA ARG B 109 -2.58 -31.63 31.77
C ARG B 109 -3.02 -32.84 32.57
N ALA B 110 -2.16 -33.31 33.47
CA ALA B 110 -2.53 -34.09 34.65
C ALA B 110 -3.51 -35.22 34.31
N ASP B 111 -2.98 -36.21 33.57
CA ASP B 111 -3.74 -37.40 33.20
C ASP B 111 -4.57 -37.90 34.37
N ALA B 112 -5.87 -37.99 34.17
CA ALA B 112 -6.82 -38.28 35.24
C ALA B 112 -7.66 -39.51 34.90
N ALA B 113 -7.87 -40.36 35.90
CA ALA B 113 -8.71 -41.54 35.74
C ALA B 113 -10.19 -41.14 35.72
N PRO B 114 -11.00 -41.82 34.92
CA PRO B 114 -12.42 -41.49 34.86
C PRO B 114 -13.16 -41.84 36.14
N THR B 115 -14.19 -41.05 36.45
CA THR B 115 -15.16 -41.39 37.47
C THR B 115 -16.23 -42.24 36.81
N VAL B 116 -16.35 -43.49 37.24
CA VAL B 116 -17.20 -44.48 36.58
C VAL B 116 -18.42 -44.74 37.45
N SER B 117 -19.60 -44.58 36.86
CA SER B 117 -20.86 -44.80 37.56
C SER B 117 -21.76 -45.66 36.68
N ILE B 118 -22.13 -46.83 37.19
CA ILE B 118 -22.97 -47.78 36.46
C ILE B 118 -24.39 -47.68 36.99
N PHE B 119 -25.37 -47.84 36.10
CA PHE B 119 -26.77 -47.67 36.42
C PHE B 119 -27.56 -48.82 35.83
N PRO B 120 -28.28 -49.59 36.65
CA PRO B 120 -29.10 -50.69 36.14
C PRO B 120 -30.33 -50.16 35.43
N PRO B 121 -30.99 -51.00 34.63
CA PRO B 121 -32.21 -50.55 33.94
C PRO B 121 -33.31 -50.18 34.92
N SER B 122 -34.12 -49.19 34.52
CA SER B 122 -35.21 -48.71 35.36
C SER B 122 -36.41 -49.65 35.27
N SER B 123 -37.26 -49.58 36.30
CA SER B 123 -38.50 -50.35 36.29
C SER B 123 -39.42 -49.87 35.19
N GLU B 124 -39.43 -48.56 34.93
CA GLU B 124 -40.25 -48.02 33.84
C GLU B 124 -39.80 -48.59 32.50
N GLN B 125 -38.50 -48.71 32.28
CA GLN B 125 -38.01 -49.33 31.05
C GLN B 125 -38.36 -50.81 31.01
N LEU B 126 -38.26 -51.50 32.15
CA LEU B 126 -38.61 -52.92 32.20
C LEU B 126 -40.08 -53.14 31.88
N THR B 127 -40.95 -52.19 32.23
CA THR B 127 -42.35 -52.29 31.84
C THR B 127 -42.53 -52.21 30.33
N SER B 128 -41.56 -51.66 29.61
CA SER B 128 -41.62 -51.56 28.15
C SER B 128 -40.95 -52.74 27.46
N GLY B 129 -40.39 -53.68 28.21
CA GLY B 129 -39.75 -54.86 27.65
C GLY B 129 -38.27 -54.72 27.37
N GLY B 130 -37.69 -53.54 27.55
CA GLY B 130 -36.27 -53.32 27.38
C GLY B 130 -35.54 -53.20 28.69
N ALA B 131 -34.21 -53.25 28.62
CA ALA B 131 -33.38 -53.11 29.81
C ALA B 131 -32.02 -52.59 29.38
N SER B 132 -31.67 -51.38 29.80
CA SER B 132 -30.41 -50.75 29.42
C SER B 132 -29.58 -50.48 30.66
N VAL B 133 -28.33 -50.91 30.63
CA VAL B 133 -27.35 -50.60 31.67
C VAL B 133 -26.51 -49.43 31.18
N VAL B 134 -26.48 -48.35 31.94
CA VAL B 134 -25.88 -47.09 31.50
C VAL B 134 -24.65 -46.80 32.34
N CYS B 135 -23.52 -46.60 31.69
CA CYS B 135 -22.25 -46.35 32.36
CA CYS B 135 -22.25 -46.35 32.36
C CYS B 135 -21.76 -44.95 32.00
N PHE B 136 -21.36 -44.19 33.00
CA PHE B 136 -20.85 -42.83 32.81
C PHE B 136 -19.39 -42.78 33.26
N LEU B 137 -18.52 -42.31 32.37
CA LEU B 137 -17.09 -42.17 32.64
C LEU B 137 -16.76 -40.69 32.51
N ASN B 138 -16.83 -39.97 33.62
CA ASN B 138 -16.75 -38.51 33.61
C ASN B 138 -15.38 -38.04 34.08
N ASN B 139 -14.93 -36.92 33.51
CA ASN B 139 -13.74 -36.19 33.98
C ASN B 139 -12.50 -37.07 33.97
N PHE B 140 -12.10 -37.46 32.76
CA PHE B 140 -10.87 -38.21 32.55
C PHE B 140 -10.03 -37.54 31.48
N TYR B 141 -8.73 -37.81 31.53
CA TYR B 141 -7.79 -37.32 30.54
C TYR B 141 -6.68 -38.35 30.44
N PRO B 142 -6.25 -38.73 29.23
CA PRO B 142 -6.67 -38.24 27.90
C PRO B 142 -8.00 -38.80 27.42
N LYS B 143 -8.50 -38.28 26.31
CA LYS B 143 -9.77 -38.75 25.75
C LYS B 143 -9.70 -40.23 25.35
N ASP B 144 -8.51 -40.70 24.98
CA ASP B 144 -8.34 -42.10 24.60
C ASP B 144 -8.70 -43.02 25.75
N ILE B 145 -9.71 -43.88 25.54
CA ILE B 145 -10.20 -44.76 26.59
C ILE B 145 -10.92 -45.92 25.91
N ASN B 146 -11.01 -47.05 26.62
CA ASN B 146 -11.72 -48.22 26.14
C ASN B 146 -12.77 -48.62 27.15
N VAL B 147 -13.95 -49.02 26.68
CA VAL B 147 -15.04 -49.47 27.54
C VAL B 147 -15.37 -50.91 27.19
N LYS B 148 -15.37 -51.77 28.19
CA LYS B 148 -15.66 -53.19 28.02
C LYS B 148 -16.87 -53.57 28.84
N TRP B 149 -17.82 -54.26 28.21
CA TRP B 149 -19.05 -54.70 28.87
C TRP B 149 -19.00 -56.21 29.03
N LYS B 150 -19.14 -56.68 30.27
CA LYS B 150 -19.20 -58.11 30.55
C LYS B 150 -20.47 -58.45 31.31
N ILE B 151 -21.14 -59.50 30.84
CA ILE B 151 -22.33 -60.04 31.47
C ILE B 151 -21.97 -61.41 32.02
N ASP B 152 -22.09 -61.57 33.33
CA ASP B 152 -21.70 -62.80 34.02
C ASP B 152 -20.25 -63.17 33.73
N GLY B 153 -19.40 -62.14 33.63
CA GLY B 153 -17.99 -62.33 33.37
C GLY B 153 -17.62 -62.55 31.92
N SER B 154 -18.58 -62.52 31.00
CA SER B 154 -18.33 -62.76 29.59
C SER B 154 -18.52 -61.46 28.81
N GLU B 155 -17.52 -61.09 28.02
CA GLU B 155 -17.56 -59.83 27.28
C GLU B 155 -18.70 -59.84 26.27
N ARG B 156 -19.41 -58.72 26.19
CA ARG B 156 -20.49 -58.53 25.23
C ARG B 156 -20.23 -57.26 24.44
N GLN B 157 -20.18 -57.38 23.11
CA GLN B 157 -19.90 -56.25 22.24
C GLN B 157 -21.15 -55.74 21.52
N ASN B 158 -22.22 -56.51 21.49
CA ASN B 158 -23.44 -56.12 20.79
C ASN B 158 -24.35 -55.32 21.72
N GLY B 159 -25.20 -54.49 21.10
CA GLY B 159 -26.11 -53.67 21.88
C GLY B 159 -25.45 -52.56 22.65
N VAL B 160 -24.26 -52.14 22.25
CA VAL B 160 -23.49 -51.13 22.98
C VAL B 160 -23.54 -49.82 22.21
N LEU B 161 -23.88 -48.75 22.92
CA LEU B 161 -23.87 -47.39 22.39
C LEU B 161 -22.81 -46.60 23.16
N ASN B 162 -21.99 -45.85 22.43
CA ASN B 162 -20.97 -45.02 23.04
C ASN B 162 -21.09 -43.59 22.53
N SER B 163 -21.05 -42.64 23.45
CA SER B 163 -21.10 -41.22 23.14
C SER B 163 -20.03 -40.50 23.94
N TRP B 164 -19.59 -39.36 23.42
CA TRP B 164 -18.51 -38.61 24.04
C TRP B 164 -18.82 -37.12 24.03
N THR B 165 -18.35 -36.43 25.06
CA THR B 165 -18.50 -34.99 25.17
C THR B 165 -17.26 -34.28 24.64
N ASP B 166 -17.44 -33.01 24.30
CA ASP B 166 -16.35 -32.21 23.80
C ASP B 166 -15.38 -31.86 24.92
N GLN B 167 -14.19 -31.40 24.54
CA GLN B 167 -13.20 -31.02 25.54
C GLN B 167 -13.74 -29.89 26.41
N ASP B 168 -13.58 -30.03 27.73
CA ASP B 168 -14.23 -29.13 28.66
C ASP B 168 -13.64 -27.73 28.57
N SER B 169 -14.52 -26.73 28.67
CA SER B 169 -14.12 -25.34 28.59
C SER B 169 -13.86 -24.72 29.96
N LYS B 170 -13.79 -25.52 31.02
CA LYS B 170 -13.32 -25.05 32.32
C LYS B 170 -12.10 -25.83 32.80
N ASP B 171 -12.18 -27.16 32.81
CA ASP B 171 -11.09 -28.00 33.29
C ASP B 171 -10.50 -28.91 32.22
N SER B 172 -11.00 -28.83 30.98
CA SER B 172 -10.45 -29.57 29.84
C SER B 172 -10.47 -31.08 30.05
N THR B 173 -11.48 -31.58 30.75
CA THR B 173 -11.65 -33.01 30.91
C THR B 173 -12.69 -33.54 29.92
N TYR B 174 -12.75 -34.87 29.81
CA TYR B 174 -13.66 -35.53 28.89
C TYR B 174 -14.64 -36.40 29.67
N SER B 175 -15.83 -36.57 29.09
CA SER B 175 -16.87 -37.41 29.66
C SER B 175 -17.43 -38.32 28.57
N MET B 176 -17.75 -39.56 28.94
CA MET B 176 -18.21 -40.57 28.00
C MET B 176 -19.42 -41.29 28.57
N SER B 177 -20.33 -41.70 27.70
CA SER B 177 -21.51 -42.45 28.06
C SER B 177 -21.54 -43.75 27.29
N SER B 178 -21.91 -44.83 27.96
CA SER B 178 -22.08 -46.15 27.35
C SER B 178 -23.44 -46.69 27.75
N THR B 179 -24.10 -47.38 26.82
CA THR B 179 -25.42 -47.93 27.07
C THR B 179 -25.49 -49.32 26.47
N LEU B 180 -25.63 -50.33 27.32
CA LEU B 180 -25.81 -51.71 26.89
C LEU B 180 -27.29 -52.03 26.95
N THR B 181 -27.90 -52.21 25.78
CA THR B 181 -29.33 -52.44 25.67
C THR B 181 -29.59 -53.93 25.44
N LEU B 182 -30.59 -54.47 26.13
CA LEU B 182 -30.95 -55.87 26.02
C LEU B 182 -32.46 -56.02 26.20
N THR B 183 -32.96 -57.19 25.85
CA THR B 183 -34.35 -57.51 26.13
C THR B 183 -34.54 -57.77 27.62
N LYS B 184 -35.78 -57.62 28.08
CA LYS B 184 -36.08 -57.83 29.50
C LYS B 184 -35.80 -59.27 29.91
N ASP B 185 -36.18 -60.24 29.06
CA ASP B 185 -35.91 -61.64 29.37
C ASP B 185 -34.41 -61.90 29.44
N GLU B 186 -33.65 -61.37 28.48
CA GLU B 186 -32.21 -61.55 28.51
C GLU B 186 -31.60 -60.92 29.74
N TYR B 187 -32.09 -59.74 30.15
CA TYR B 187 -31.61 -59.12 31.37
C TYR B 187 -31.90 -59.97 32.59
N GLU B 188 -33.09 -60.57 32.64
CA GLU B 188 -33.47 -61.42 33.77
C GLU B 188 -32.85 -62.81 33.72
N ARG B 189 -32.20 -63.17 32.62
CA ARG B 189 -31.51 -64.44 32.51
C ARG B 189 -30.08 -64.39 33.02
N HIS B 190 -29.61 -63.23 33.49
CA HIS B 190 -28.26 -63.07 33.99
C HIS B 190 -28.28 -62.30 35.30
N ASN B 191 -27.23 -62.50 36.10
CA ASN B 191 -27.16 -61.93 37.44
C ASN B 191 -26.19 -60.76 37.52
N SER B 192 -24.93 -60.96 37.14
CA SER B 192 -23.88 -59.97 37.35
C SER B 192 -23.56 -59.25 36.03
N TYR B 193 -23.48 -57.94 36.10
CA TYR B 193 -23.12 -57.10 34.96
C TYR B 193 -22.00 -56.18 35.41
N THR B 194 -21.08 -55.86 34.50
CA THR B 194 -19.98 -54.97 34.85
C THR B 194 -19.64 -54.01 33.72
N CYS B 195 -19.04 -52.89 34.11
CA CYS B 195 -18.52 -51.87 33.21
C CYS B 195 -17.03 -51.72 33.52
N GLU B 196 -16.19 -51.91 32.51
CA GLU B 196 -14.74 -51.89 32.68
C GLU B 196 -14.15 -50.75 31.86
N ALA B 197 -13.27 -49.98 32.47
CA ALA B 197 -12.64 -48.83 31.84
C ALA B 197 -11.15 -49.08 31.71
N THR B 198 -10.66 -49.10 30.48
CA THR B 198 -9.24 -49.21 30.19
C THR B 198 -8.71 -47.81 29.85
N HIS B 199 -7.86 -47.27 30.72
CA HIS B 199 -7.36 -45.92 30.58
C HIS B 199 -5.86 -45.93 30.88
N LYS B 200 -5.14 -44.97 30.29
CA LYS B 200 -3.70 -44.92 30.48
C LYS B 200 -3.30 -44.53 31.90
N THR B 201 -4.22 -44.00 32.70
CA THR B 201 -3.91 -43.60 34.06
C THR B 201 -3.79 -44.79 35.02
N SER B 202 -4.20 -45.98 34.61
CA SER B 202 -4.12 -47.16 35.46
C SER B 202 -3.86 -48.38 34.61
N THR B 203 -2.92 -49.22 35.05
CA THR B 203 -2.63 -50.45 34.32
C THR B 203 -3.78 -51.44 34.41
N SER B 204 -4.58 -51.37 35.46
CA SER B 204 -5.73 -52.23 35.66
C SER B 204 -7.02 -51.47 35.38
N PRO B 205 -7.92 -52.05 34.60
CA PRO B 205 -9.18 -51.36 34.29
C PRO B 205 -10.00 -51.08 35.54
N ILE B 206 -10.70 -49.95 35.53
CA ILE B 206 -11.62 -49.60 36.60
C ILE B 206 -12.92 -50.37 36.40
N VAL B 207 -13.36 -51.09 37.43
CA VAL B 207 -14.46 -52.04 37.32
C VAL B 207 -15.61 -51.58 38.21
N LYS B 208 -16.80 -51.47 37.62
CA LYS B 208 -18.02 -51.22 38.37
C LYS B 208 -19.04 -52.30 38.05
N SER B 209 -19.46 -53.04 39.08
CA SER B 209 -20.28 -54.22 38.86
C SER B 209 -21.53 -54.15 39.73
N PHE B 210 -22.58 -54.82 39.26
CA PHE B 210 -23.80 -54.95 40.04
C PHE B 210 -24.46 -56.29 39.72
N ASN B 211 -25.06 -56.89 40.74
CA ASN B 211 -25.71 -58.19 40.64
C ASN B 211 -27.22 -58.01 40.61
N ARG B 212 -27.88 -58.68 39.68
CA ARG B 212 -29.33 -58.58 39.56
C ARG B 212 -30.01 -59.49 40.57
N GLN C 1 -35.39 -14.00 -43.33
CA GLN C 1 -35.09 -13.20 -42.15
C GLN C 1 -33.63 -13.38 -41.73
N PRO C 2 -33.30 -14.55 -41.18
CA PRO C 2 -31.92 -14.79 -40.74
C PRO C 2 -31.05 -15.35 -41.85
N ALA C 3 -29.79 -15.63 -41.53
CA ALA C 3 -28.84 -16.18 -42.48
C ALA C 3 -28.29 -17.50 -41.93
N ALA C 4 -27.32 -18.08 -42.66
CA ALA C 4 -26.71 -19.34 -42.29
C ALA C 4 -25.27 -19.10 -41.86
N ALA C 5 -24.92 -19.55 -40.66
CA ALA C 5 -23.57 -19.41 -40.14
C ALA C 5 -23.31 -20.52 -39.14
N THR C 6 -22.04 -20.82 -38.93
CA THR C 6 -21.63 -21.88 -38.01
C THR C 6 -20.76 -21.38 -36.87
N ARG C 7 -19.66 -20.69 -37.17
CA ARG C 7 -18.66 -20.33 -36.18
C ARG C 7 -18.90 -18.90 -35.70
N ILE C 8 -19.29 -18.76 -34.43
CA ILE C 8 -19.57 -17.46 -33.84
C ILE C 8 -18.77 -17.26 -32.56
N THR C 9 -17.58 -17.89 -32.49
CA THR C 9 -16.81 -17.88 -31.25
C THR C 9 -16.44 -16.46 -30.82
N VAL C 10 -15.99 -15.64 -31.77
CA VAL C 10 -15.80 -14.21 -31.58
C VAL C 10 -14.61 -13.88 -30.68
N GLU C 11 -14.45 -14.62 -29.59
CA GLU C 11 -13.41 -14.32 -28.62
C GLU C 11 -12.02 -14.48 -29.23
N ASN C 12 -11.08 -13.67 -28.77
CA ASN C 12 -9.73 -13.65 -29.30
C ASN C 12 -8.78 -13.10 -28.24
N GLY C 13 -7.54 -12.82 -28.64
CA GLY C 13 -6.53 -12.32 -27.72
C GLY C 13 -5.47 -11.51 -28.45
N THR C 14 -4.67 -10.79 -27.66
CA THR C 14 -3.65 -9.89 -28.18
C THR C 14 -2.31 -10.60 -28.30
N ASP C 15 -1.26 -9.84 -28.61
CA ASP C 15 0.07 -10.40 -28.86
C ASP C 15 1.14 -9.71 -28.02
N LYS C 16 2.41 -9.99 -28.33
CA LYS C 16 3.51 -9.46 -27.54
C LYS C 16 4.61 -8.95 -28.48
N LEU C 17 5.43 -8.03 -27.95
CA LEU C 17 6.45 -7.36 -28.73
C LEU C 17 7.68 -8.26 -28.89
N VAL C 18 8.80 -7.68 -29.32
CA VAL C 18 9.96 -8.47 -29.74
C VAL C 18 11.22 -8.13 -28.93
N ASN C 19 11.58 -6.84 -28.91
CA ASN C 19 12.82 -6.22 -28.42
C ASN C 19 13.96 -6.49 -29.40
N TYR C 20 14.96 -5.59 -29.43
CA TYR C 20 16.00 -5.69 -30.44
C TYR C 20 17.13 -4.70 -30.14
N LYS C 21 18.35 -5.11 -30.50
CA LYS C 21 19.57 -4.28 -30.54
C LYS C 21 19.84 -3.74 -29.14
N SER C 22 20.47 -2.56 -29.01
CA SER C 22 20.91 -2.03 -27.73
C SER C 22 19.87 -1.11 -27.10
N SER C 23 18.63 -1.15 -27.59
CA SER C 23 17.57 -0.38 -26.98
C SER C 23 17.29 -0.90 -25.58
N PRO C 24 16.91 -0.02 -24.65
CA PRO C 24 16.47 -0.50 -23.33
C PRO C 24 15.29 -1.43 -23.46
N GLN C 25 15.26 -2.44 -22.59
CA GLN C 25 14.29 -3.53 -22.74
C GLN C 25 12.86 -3.06 -22.61
N GLN C 26 12.61 -1.88 -22.03
CA GLN C 26 11.25 -1.38 -21.87
C GLN C 26 10.68 -1.08 -23.24
N LEU C 27 9.80 -1.95 -23.73
CA LEU C 27 9.24 -1.84 -25.06
C LEU C 27 7.96 -1.02 -24.98
N PHE C 28 8.00 0.19 -25.53
CA PHE C 28 6.82 1.06 -25.56
C PHE C 28 6.74 1.77 -26.90
N LEU C 29 6.94 1.03 -27.98
CA LEU C 29 7.03 1.62 -29.32
C LEU C 29 5.63 2.02 -29.80
N ALA C 30 5.54 2.45 -31.04
CA ALA C 30 4.31 3.00 -31.60
C ALA C 30 4.27 2.68 -33.09
N LYS C 31 3.46 3.43 -33.83
CA LYS C 31 3.29 3.24 -35.26
C LYS C 31 4.59 3.48 -36.02
N ASN C 32 4.54 3.33 -37.34
CA ASN C 32 5.72 3.46 -38.19
C ASN C 32 6.66 2.36 -37.73
N ALA C 33 7.97 2.61 -37.63
CA ALA C 33 8.92 1.63 -37.10
C ALA C 33 8.79 0.30 -37.84
N LEU C 34 7.75 -0.46 -37.50
CA LEU C 34 7.44 -1.71 -38.18
C LEU C 34 6.63 -1.39 -39.44
N LYS C 35 7.36 -1.18 -40.53
CA LYS C 35 6.71 -0.80 -41.79
C LYS C 35 6.03 -1.99 -42.43
N ASP C 36 6.80 -3.01 -42.80
CA ASP C 36 6.28 -4.17 -43.50
C ASP C 36 6.15 -5.40 -42.62
N LYS C 37 6.44 -5.30 -41.32
CA LYS C 37 6.28 -6.41 -40.41
C LYS C 37 4.81 -6.67 -40.07
N LEU C 38 3.96 -5.66 -40.18
CA LEU C 38 2.56 -5.77 -39.80
C LEU C 38 1.80 -6.75 -40.66
N GLN C 39 2.04 -6.75 -41.98
CA GLN C 39 1.41 -7.72 -42.85
C GLN C 39 1.83 -9.15 -42.48
N GLY C 40 3.11 -9.34 -42.15
CA GLY C 40 3.55 -10.65 -41.74
C GLY C 40 2.90 -11.11 -40.45
N GLU C 41 2.82 -10.21 -39.47
CA GLU C 41 2.18 -10.56 -38.20
C GLU C 41 0.70 -10.87 -38.40
N PHE C 42 0.02 -10.10 -39.24
CA PHE C 42 -1.39 -10.34 -39.50
C PHE C 42 -1.58 -11.67 -40.21
N ASP C 43 -0.68 -12.02 -41.14
CA ASP C 43 -0.74 -13.32 -41.78
C ASP C 43 -0.54 -14.44 -40.77
N LYS C 44 0.41 -14.26 -39.85
CA LYS C 44 0.62 -15.28 -38.81
C LYS C 44 -0.62 -15.46 -37.97
N PHE C 45 -1.30 -14.35 -37.62
CA PHE C 45 -2.55 -14.46 -36.89
C PHE C 45 -3.61 -15.17 -37.73
N LEU C 46 -3.67 -14.86 -39.02
CA LEU C 46 -4.61 -15.53 -39.92
C LEU C 46 -4.31 -17.02 -40.03
N SER C 47 -3.09 -17.44 -39.70
CA SER C 47 -2.73 -18.86 -39.71
C SER C 47 -2.96 -19.52 -38.36
N ASP C 48 -3.96 -19.04 -37.60
CA ASP C 48 -4.32 -19.60 -36.32
C ASP C 48 -5.68 -20.26 -36.41
N ALA C 49 -5.94 -21.17 -35.47
CA ALA C 49 -7.21 -21.88 -35.43
C ALA C 49 -8.38 -21.00 -35.02
N LYS C 50 -8.13 -19.76 -34.62
CA LYS C 50 -9.17 -18.87 -34.14
C LYS C 50 -9.59 -17.83 -35.18
N ALA C 51 -9.01 -17.89 -36.39
CA ALA C 51 -9.26 -16.85 -37.38
C ALA C 51 -10.67 -16.97 -37.98
N PHE C 52 -11.05 -18.19 -38.37
CA PHE C 52 -12.32 -18.35 -39.09
C PHE C 52 -13.55 -17.94 -38.27
N PRO C 53 -13.69 -18.26 -36.97
CA PRO C 53 -14.88 -17.78 -36.27
C PRO C 53 -14.93 -16.27 -36.15
N ALA C 54 -13.78 -15.62 -35.94
CA ALA C 54 -13.75 -14.17 -35.87
C ALA C 54 -14.18 -13.54 -37.18
N LEU C 55 -13.66 -14.05 -38.31
CA LEU C 55 -14.03 -13.46 -39.59
C LEU C 55 -15.48 -13.76 -39.95
N THR C 56 -15.98 -14.95 -39.58
CA THR C 56 -17.39 -15.26 -39.80
C THR C 56 -18.28 -14.33 -38.98
N ALA C 57 -17.89 -14.06 -37.74
CA ALA C 57 -18.65 -13.11 -36.93
C ALA C 57 -18.60 -11.71 -37.54
N ASP C 58 -17.43 -11.32 -38.05
CA ASP C 58 -17.31 -10.03 -38.71
C ASP C 58 -18.28 -9.92 -39.88
N LEU C 59 -18.32 -10.97 -40.72
CA LEU C 59 -19.31 -11.01 -41.79
C LEU C 59 -20.72 -10.92 -41.25
N GLN C 60 -20.99 -11.59 -40.12
CA GLN C 60 -22.32 -11.59 -39.54
C GLN C 60 -22.76 -10.19 -39.16
N GLU C 61 -21.95 -9.47 -38.40
CA GLU C 61 -22.35 -8.11 -38.04
C GLU C 61 -22.36 -7.21 -39.25
N TRP C 62 -21.47 -7.44 -40.22
CA TRP C 62 -21.46 -6.61 -41.42
C TRP C 62 -22.78 -6.71 -42.16
N VAL C 63 -23.24 -7.93 -42.46
CA VAL C 63 -24.54 -8.10 -43.08
C VAL C 63 -25.68 -7.82 -42.12
N ASP C 64 -25.41 -7.69 -40.83
CA ASP C 64 -26.46 -7.35 -39.88
C ASP C 64 -26.78 -5.86 -39.92
N GLN C 65 -25.80 -5.02 -39.56
CA GLN C 65 -26.04 -3.59 -39.48
C GLN C 65 -26.11 -2.95 -40.87
N GLN C 66 -25.23 -3.37 -41.78
CA GLN C 66 -25.21 -2.73 -43.09
C GLN C 66 -26.38 -3.19 -43.97
N LEU C 67 -26.72 -4.48 -43.94
CA LEU C 67 -27.75 -4.97 -44.87
C LEU C 67 -29.17 -4.76 -44.35
N PHE C 68 -29.53 -5.41 -43.25
CA PHE C 68 -30.95 -5.56 -42.91
C PHE C 68 -31.37 -4.87 -41.61
N ASN C 69 -30.47 -4.17 -40.92
CA ASN C 69 -30.99 -3.23 -39.93
C ASN C 69 -31.62 -2.00 -40.59
N PRO C 70 -31.11 -1.50 -41.73
CA PRO C 70 -31.87 -0.47 -42.46
C PRO C 70 -32.98 -1.10 -43.30
N ASN C 71 -33.31 -2.34 -43.00
CA ASN C 71 -34.28 -3.13 -43.74
C ASN C 71 -34.96 -4.07 -42.75
N GLN C 72 -35.57 -5.13 -43.27
CA GLN C 72 -36.22 -6.24 -42.55
C GLN C 72 -37.59 -5.79 -42.03
N SER C 73 -37.94 -4.51 -42.10
CA SER C 73 -39.32 -4.11 -41.85
C SER C 73 -40.20 -4.42 -43.06
N PHE C 74 -39.63 -4.39 -44.26
CA PHE C 74 -40.38 -4.69 -45.48
C PHE C 74 -39.56 -5.52 -46.47
N PHE C 75 -38.50 -6.19 -46.01
CA PHE C 75 -37.71 -7.05 -46.89
C PHE C 75 -37.11 -8.18 -46.04
N ASP C 76 -37.66 -9.39 -46.18
CA ASP C 76 -37.10 -10.56 -45.55
C ASP C 76 -35.80 -10.97 -46.24
N LEU C 77 -34.84 -11.42 -45.44
CA LEU C 77 -33.50 -11.77 -45.90
C LEU C 77 -33.36 -13.29 -45.99
N SER C 78 -32.84 -13.78 -47.11
CA SER C 78 -32.49 -15.17 -47.26
C SER C 78 -31.10 -15.29 -47.86
N ALA C 79 -30.34 -16.28 -47.40
CA ALA C 79 -28.94 -16.48 -47.78
C ALA C 79 -28.76 -17.89 -48.31
N PRO C 80 -29.19 -18.16 -49.55
CA PRO C 80 -29.04 -19.50 -50.11
C PRO C 80 -27.58 -19.90 -50.34
N ARG C 81 -26.84 -19.05 -51.05
CA ARG C 81 -25.46 -19.33 -51.42
C ARG C 81 -24.52 -18.44 -50.62
N SER C 82 -23.57 -19.06 -49.93
CA SER C 82 -22.62 -18.32 -49.10
C SER C 82 -21.41 -19.19 -48.86
N ASN C 83 -20.23 -18.76 -49.33
CA ASN C 83 -19.04 -19.55 -49.08
C ASN C 83 -17.81 -18.67 -48.98
N PHE C 84 -16.88 -19.08 -48.12
CA PHE C 84 -15.55 -18.53 -47.98
C PHE C 84 -14.54 -19.52 -48.54
N THR C 85 -13.30 -19.06 -48.71
CA THR C 85 -12.18 -19.92 -49.06
C THR C 85 -10.97 -19.60 -48.20
N LEU C 86 -11.17 -19.53 -46.89
CA LEU C 86 -10.05 -19.29 -45.97
C LEU C 86 -9.12 -20.49 -46.02
N SER C 87 -8.03 -20.37 -46.77
CA SER C 87 -7.13 -21.49 -47.00
C SER C 87 -5.89 -21.39 -46.12
N SER C 88 -5.20 -22.53 -45.99
CA SER C 88 -3.95 -22.56 -45.26
C SER C 88 -2.86 -21.72 -45.93
N ASP C 89 -3.01 -21.44 -47.23
CA ASP C 89 -2.09 -20.57 -47.95
C ASP C 89 -2.35 -19.10 -47.67
N LYS C 90 -3.19 -18.79 -46.69
CA LYS C 90 -3.51 -17.42 -46.28
C LYS C 90 -4.18 -16.62 -47.39
N LYS C 91 -4.86 -17.30 -48.31
CA LYS C 91 -5.61 -16.66 -49.38
C LYS C 91 -7.08 -17.05 -49.23
N ALA C 92 -7.95 -16.05 -49.12
CA ALA C 92 -9.36 -16.26 -48.87
C ALA C 92 -10.20 -15.53 -49.90
N SER C 93 -11.24 -16.20 -50.39
CA SER C 93 -12.18 -15.63 -51.34
C SER C 93 -13.60 -15.97 -50.90
N LEU C 94 -14.57 -15.18 -51.36
CA LEU C 94 -15.94 -15.34 -50.92
C LEU C 94 -16.91 -15.17 -52.07
N ASP C 95 -17.98 -15.97 -52.05
CA ASP C 95 -19.07 -15.83 -53.02
C ASP C 95 -20.39 -15.86 -52.24
N PHE C 96 -21.21 -14.85 -52.43
CA PHE C 96 -22.45 -14.69 -51.68
C PHE C 96 -23.59 -14.28 -52.60
N ILE C 97 -24.73 -14.95 -52.45
CA ILE C 97 -25.94 -14.69 -53.20
C ILE C 97 -27.08 -14.58 -52.20
N PHE C 98 -27.75 -13.43 -52.19
CA PHE C 98 -28.77 -13.11 -51.20
C PHE C 98 -30.08 -12.74 -51.88
N ARG C 99 -31.19 -13.04 -51.22
CA ARG C 99 -32.52 -12.71 -51.72
C ARG C 99 -33.25 -11.83 -50.71
N PHE C 100 -33.87 -10.76 -51.21
CA PHE C 100 -34.73 -9.88 -50.43
C PHE C 100 -36.16 -10.06 -50.90
N THR C 101 -37.01 -10.60 -50.03
CA THR C 101 -38.39 -10.90 -50.36
C THR C 101 -39.33 -9.97 -49.58
N ASN C 102 -40.04 -9.11 -50.30
CA ASN C 102 -40.94 -8.13 -49.68
C ASN C 102 -42.34 -8.73 -49.56
N PHE C 103 -42.75 -9.02 -48.32
CA PHE C 103 -44.09 -9.54 -48.09
C PHE C 103 -45.16 -8.47 -48.20
N THR C 104 -44.81 -7.21 -47.92
CA THR C 104 -45.78 -6.13 -47.97
C THR C 104 -46.15 -5.79 -49.40
N GLU C 105 -47.34 -5.21 -49.56
CA GLU C 105 -47.84 -4.82 -50.88
C GLU C 105 -47.55 -3.34 -51.11
N SER C 106 -46.27 -3.05 -51.33
CA SER C 106 -45.83 -1.68 -51.56
C SER C 106 -44.51 -1.72 -52.33
N VAL C 107 -44.10 -0.55 -52.81
CA VAL C 107 -42.86 -0.38 -53.54
C VAL C 107 -41.93 0.49 -52.71
N GLN C 108 -40.75 -0.02 -52.40
CA GLN C 108 -39.80 0.69 -51.55
C GLN C 108 -38.43 0.80 -52.21
N LEU C 109 -37.45 1.28 -51.46
CA LEU C 109 -36.09 1.46 -51.95
C LEU C 109 -35.10 0.82 -50.99
N LEU C 110 -34.01 0.29 -51.54
CA LEU C 110 -32.99 -0.39 -50.76
C LEU C 110 -31.86 0.58 -50.43
N LYS C 111 -31.48 0.63 -49.16
CA LYS C 111 -30.45 1.55 -48.69
C LYS C 111 -29.17 0.78 -48.41
N LEU C 112 -28.08 1.22 -49.03
CA LEU C 112 -26.77 0.65 -48.84
C LEU C 112 -25.75 1.77 -48.73
N PRO C 113 -24.61 1.52 -48.08
CA PRO C 113 -23.59 2.58 -47.95
C PRO C 113 -22.92 2.92 -49.27
N GLU C 114 -23.72 3.31 -50.26
CA GLU C 114 -23.26 3.65 -51.60
C GLU C 114 -24.43 4.34 -52.30
N GLY C 115 -24.18 4.84 -53.50
CA GLY C 115 -25.25 5.43 -54.31
C GLY C 115 -26.21 4.38 -54.82
N VAL C 116 -26.84 3.66 -53.89
CA VAL C 116 -27.70 2.52 -54.22
C VAL C 116 -29.14 2.99 -54.13
N SER C 117 -29.82 2.97 -55.28
CA SER C 117 -31.24 3.36 -55.38
C SER C 117 -31.88 2.42 -56.39
N VAL C 118 -32.46 1.32 -55.90
CA VAL C 118 -33.08 0.30 -56.73
C VAL C 118 -34.54 0.18 -56.36
N VAL C 119 -35.39 -0.01 -57.36
CA VAL C 119 -36.83 -0.11 -57.18
C VAL C 119 -37.24 -1.57 -57.24
N VAL C 120 -38.03 -2.01 -56.25
CA VAL C 120 -38.54 -3.37 -56.19
C VAL C 120 -40.04 -3.29 -55.98
N ASP C 121 -40.81 -3.98 -56.84
CA ASP C 121 -42.26 -4.02 -56.70
C ASP C 121 -42.66 -5.08 -55.68
N SER C 122 -43.97 -5.17 -55.43
CA SER C 122 -44.48 -6.05 -54.38
C SER C 122 -44.29 -7.51 -54.77
N LYS C 123 -43.99 -8.34 -53.75
CA LYS C 123 -43.86 -9.78 -53.92
C LYS C 123 -42.80 -10.14 -54.96
N GLN C 124 -41.60 -9.59 -54.78
CA GLN C 124 -40.48 -9.85 -55.67
C GLN C 124 -39.25 -10.19 -54.86
N SER C 125 -38.40 -11.03 -55.44
CA SER C 125 -37.16 -11.47 -54.80
C SER C 125 -36.00 -10.69 -55.42
N PHE C 126 -35.66 -9.58 -54.78
CA PHE C 126 -34.51 -8.79 -55.22
C PHE C 126 -33.22 -9.57 -54.99
N ASP C 127 -32.32 -9.49 -55.96
CA ASP C 127 -31.09 -10.27 -55.97
C ASP C 127 -29.92 -9.44 -55.44
N TYR C 128 -29.03 -10.10 -54.70
CA TYR C 128 -27.81 -9.48 -54.20
C TYR C 128 -26.64 -10.40 -54.51
N TYR C 129 -25.62 -9.89 -55.17
CA TYR C 129 -24.47 -10.68 -55.60
C TYR C 129 -23.19 -10.03 -55.08
N VAL C 130 -22.39 -10.79 -54.34
CA VAL C 130 -21.10 -10.32 -53.82
C VAL C 130 -20.04 -11.35 -54.16
N ASN C 131 -18.94 -10.89 -54.76
CA ASN C 131 -17.85 -11.79 -55.11
C ASN C 131 -16.52 -11.14 -54.75
N ALA C 132 -15.62 -11.94 -54.17
CA ALA C 132 -14.27 -11.52 -53.85
C ALA C 132 -13.32 -12.68 -54.09
N SER C 133 -12.14 -12.36 -54.61
CA SER C 133 -11.15 -13.36 -54.99
C SER C 133 -10.10 -13.51 -53.89
N ALA C 134 -9.34 -14.60 -53.98
CA ALA C 134 -8.30 -14.89 -53.00
C ALA C 134 -7.19 -13.87 -53.13
N GLN C 135 -7.03 -13.02 -52.11
CA GLN C 135 -6.07 -11.94 -52.15
C GLN C 135 -5.53 -11.69 -50.74
N LYS C 136 -4.38 -11.02 -50.69
CA LYS C 136 -3.73 -10.72 -49.42
C LYS C 136 -4.43 -9.55 -48.76
N LEU C 137 -5.05 -9.79 -47.60
CA LEU C 137 -5.83 -8.76 -46.93
C LEU C 137 -4.92 -7.63 -46.48
N LEU C 138 -5.36 -6.39 -46.72
CA LEU C 138 -4.57 -5.23 -46.34
C LEU C 138 -4.75 -4.96 -44.86
N VAL C 139 -3.76 -4.32 -44.25
CA VAL C 139 -3.71 -4.16 -42.80
C VAL C 139 -3.62 -2.68 -42.46
N LEU C 140 -4.62 -2.16 -41.75
CA LEU C 140 -4.60 -0.77 -41.29
C LEU C 140 -4.84 -0.71 -39.79
N PRO C 141 -3.92 -0.12 -39.03
CA PRO C 141 -4.11 0.00 -37.57
C PRO C 141 -4.94 1.21 -37.20
N LEU C 142 -6.17 0.97 -36.74
CA LEU C 142 -7.00 1.98 -36.11
C LEU C 142 -6.57 2.15 -34.65
N SER C 143 -7.40 2.79 -33.83
CA SER C 143 -7.06 3.06 -32.44
C SER C 143 -8.03 2.37 -31.49
N LEU C 144 -7.51 1.94 -30.35
CA LEU C 144 -8.24 1.28 -29.29
C LEU C 144 -8.44 2.23 -28.11
N PRO C 145 -9.29 1.86 -27.14
CA PRO C 145 -9.44 2.72 -25.96
C PRO C 145 -8.15 3.05 -25.26
N ASP C 146 -7.22 2.11 -25.17
CA ASP C 146 -5.88 2.40 -24.65
C ASP C 146 -4.96 2.96 -25.73
N TYR C 147 -5.48 3.14 -26.95
CA TYR C 147 -4.76 3.77 -28.07
C TYR C 147 -3.66 2.84 -28.58
N THR C 148 -4.08 1.71 -29.11
CA THR C 148 -3.18 0.71 -29.66
C THR C 148 -3.47 0.52 -31.14
N LEU C 149 -2.78 -0.45 -31.73
CA LEU C 149 -2.91 -0.75 -33.15
C LEU C 149 -4.13 -1.64 -33.36
N GLY C 150 -5.17 -1.08 -33.97
CA GLY C 150 -6.33 -1.84 -34.37
C GLY C 150 -6.19 -2.32 -35.80
N LEU C 151 -5.29 -3.27 -36.03
CA LEU C 151 -5.09 -3.78 -37.38
C LEU C 151 -6.40 -4.35 -37.91
N ASN C 152 -6.79 -3.92 -39.10
CA ASN C 152 -7.99 -4.43 -39.73
C ASN C 152 -7.69 -4.76 -41.19
N TYR C 153 -8.46 -5.72 -41.71
CA TYR C 153 -8.22 -6.28 -43.03
C TYR C 153 -9.10 -5.61 -44.08
N MET C 154 -8.44 -5.10 -45.11
CA MET C 154 -9.06 -4.35 -46.19
C MET C 154 -9.03 -5.18 -47.46
N PHE C 155 -10.05 -4.99 -48.29
CA PHE C 155 -10.17 -5.67 -49.58
C PHE C 155 -9.70 -4.72 -50.68
N ASP C 156 -8.84 -5.24 -51.56
CA ASP C 156 -8.27 -4.39 -52.60
C ASP C 156 -9.28 -4.07 -53.70
N HIS C 157 -10.08 -5.06 -54.11
CA HIS C 157 -11.10 -4.85 -55.14
C HIS C 157 -12.06 -6.02 -55.09
N ILE C 158 -13.35 -5.73 -54.94
CA ILE C 158 -14.37 -6.76 -54.86
C ILE C 158 -15.55 -6.35 -55.73
N THR C 159 -16.24 -7.34 -56.30
CA THR C 159 -17.38 -7.08 -57.18
C THR C 159 -18.67 -7.19 -56.36
N LEU C 160 -19.24 -6.04 -56.02
CA LEU C 160 -20.54 -5.97 -55.36
C LEU C 160 -21.59 -5.66 -56.41
N ASN C 161 -22.62 -6.51 -56.48
CA ASN C 161 -23.70 -6.39 -57.46
C ASN C 161 -23.15 -6.31 -58.89
N GLY C 162 -21.98 -6.90 -59.11
CA GLY C 162 -21.36 -6.91 -60.42
C GLY C 162 -20.43 -5.77 -60.72
N LYS C 163 -20.34 -4.76 -59.86
CA LYS C 163 -19.44 -3.62 -60.07
C LYS C 163 -18.26 -3.72 -59.12
N VAL C 164 -17.07 -3.41 -59.64
CA VAL C 164 -15.84 -3.53 -58.88
C VAL C 164 -15.62 -2.27 -58.06
N VAL C 165 -15.46 -2.44 -56.75
CA VAL C 165 -15.09 -1.35 -55.84
C VAL C 165 -13.69 -1.65 -55.33
N ASN C 166 -12.85 -0.62 -55.29
CA ASN C 166 -11.44 -0.78 -54.96
C ASN C 166 -11.15 -0.33 -53.54
N LYS C 167 -9.99 -0.77 -53.04
CA LYS C 167 -9.52 -0.50 -51.67
C LYS C 167 -10.67 -0.58 -50.66
N PHE C 168 -11.48 -1.63 -50.83
CA PHE C 168 -12.71 -1.76 -50.05
C PHE C 168 -12.42 -1.75 -48.55
N SER C 169 -13.18 -0.96 -47.81
CA SER C 169 -13.08 -0.90 -46.37
C SER C 169 -14.17 -1.80 -45.77
N PHE C 170 -13.75 -2.74 -44.93
CA PHE C 170 -14.67 -3.61 -44.22
C PHE C 170 -14.87 -3.05 -42.81
N ASN C 171 -16.15 -3.01 -42.38
CA ASN C 171 -16.63 -2.62 -41.06
C ASN C 171 -15.76 -1.57 -40.38
N PRO C 172 -15.68 -0.36 -40.94
CA PRO C 172 -14.80 0.67 -40.37
C PRO C 172 -15.21 1.03 -38.94
N PHE C 173 -14.18 1.35 -38.14
CA PHE C 173 -14.35 1.80 -36.76
C PHE C 173 -14.95 0.72 -35.86
N LYS C 174 -15.08 -0.50 -36.37
CA LYS C 174 -15.62 -1.60 -35.56
C LYS C 174 -15.24 -2.94 -36.18
N THR C 175 -14.34 -3.67 -35.54
CA THR C 175 -13.92 -4.97 -36.04
C THR C 175 -13.69 -5.92 -34.87
N ASN C 176 -13.93 -7.21 -35.12
CA ASN C 176 -13.79 -8.24 -34.10
C ASN C 176 -12.67 -9.19 -34.52
N LEU C 177 -11.44 -8.83 -34.18
CA LEU C 177 -10.32 -9.75 -34.30
C LEU C 177 -9.50 -9.69 -33.01
N ASN C 178 -9.57 -8.56 -32.31
CA ASN C 178 -9.11 -8.41 -30.93
C ASN C 178 -7.63 -8.78 -30.75
N LEU C 179 -6.85 -8.79 -31.82
CA LEU C 179 -5.41 -8.99 -31.72
C LEU C 179 -4.76 -7.62 -31.53
N ALA C 180 -4.01 -7.46 -30.44
CA ALA C 180 -3.33 -6.20 -30.17
C ALA C 180 -1.92 -6.45 -29.64
N PHE C 181 -1.22 -5.38 -29.28
CA PHE C 181 0.11 -5.46 -28.72
C PHE C 181 0.19 -4.58 -27.50
N SER C 182 0.92 -5.02 -26.48
CA SER C 182 1.08 -4.27 -25.25
C SER C 182 2.24 -3.29 -25.30
N ASN C 183 2.93 -3.19 -26.44
CA ASN C 183 4.10 -2.32 -26.54
C ASN C 183 4.13 -1.45 -27.80
N VAL C 184 3.20 -1.62 -28.73
CA VAL C 184 3.14 -0.82 -29.95
C VAL C 184 1.83 -0.06 -29.95
N TYR C 185 1.90 1.25 -30.10
CA TYR C 185 0.76 2.15 -29.93
C TYR C 185 0.50 2.91 -31.22
N ASN C 186 -0.44 3.85 -31.14
CA ASN C 186 -0.93 4.60 -32.29
C ASN C 186 -0.47 6.04 -32.22
N GLY C 187 0.05 6.55 -33.33
CA GLY C 187 0.41 7.95 -33.47
C GLY C 187 1.88 8.13 -33.82
N VAL C 188 2.26 9.40 -33.97
CA VAL C 188 3.65 9.80 -34.21
C VAL C 188 4.29 10.13 -32.87
N ASP C 189 5.41 9.49 -32.57
CA ASP C 189 5.85 9.37 -31.19
C ASP C 189 6.16 10.70 -30.50
N VAL C 190 7.27 11.34 -30.84
CA VAL C 190 7.55 12.68 -30.33
C VAL C 190 8.13 13.53 -31.45
N PHE C 191 8.66 12.86 -32.47
CA PHE C 191 9.49 13.50 -33.48
C PHE C 191 8.90 13.47 -34.88
N GLU C 192 8.21 12.39 -35.25
CA GLU C 192 7.61 12.32 -36.57
C GLU C 192 6.60 13.43 -36.80
N ALA C 193 6.03 13.98 -35.72
CA ALA C 193 5.17 15.15 -35.88
C ALA C 193 5.96 16.35 -36.34
N GLN C 194 7.21 16.47 -35.91
CA GLN C 194 8.00 17.65 -36.23
C GLN C 194 8.58 17.56 -37.64
N LYS C 195 7.72 17.24 -38.60
CA LYS C 195 8.01 17.39 -40.01
C LYS C 195 6.81 18.09 -40.62
N ASN C 196 5.67 17.93 -39.97
CA ASN C 196 4.42 18.51 -40.41
C ASN C 196 3.60 19.16 -39.31
N LEU C 197 3.99 19.01 -38.04
CA LEU C 197 3.29 19.75 -36.99
C LEU C 197 3.66 21.22 -37.03
N VAL C 198 4.84 21.55 -37.52
CA VAL C 198 5.27 22.93 -37.72
C VAL C 198 5.71 23.09 -39.16
N GLY C 199 5.59 24.32 -39.66
CA GLY C 199 5.93 24.60 -41.05
C GLY C 199 5.39 25.92 -41.56
N LYS C 200 4.95 25.95 -42.82
CA LYS C 200 4.50 27.20 -43.44
C LYS C 200 3.20 27.68 -42.82
N GLY C 201 2.13 26.90 -42.97
CA GLY C 201 0.84 27.26 -42.42
C GLY C 201 0.35 26.24 -41.41
N LYS C 202 1.25 25.78 -40.56
CA LYS C 202 0.95 24.66 -39.67
C LYS C 202 0.21 25.15 -38.43
N TYR C 203 0.07 24.28 -37.44
CA TYR C 203 -0.71 24.63 -36.25
C TYR C 203 0.00 25.69 -35.41
N LEU C 204 1.28 25.48 -35.13
CA LEU C 204 1.97 26.33 -34.16
C LEU C 204 2.12 27.76 -34.68
N ASN C 205 2.69 27.92 -35.88
CA ASN C 205 2.97 29.26 -36.38
C ASN C 205 1.69 30.07 -36.50
N THR C 206 0.62 29.44 -36.99
CA THR C 206 -0.68 30.11 -37.00
C THR C 206 -1.11 30.45 -35.59
N HIS C 207 -0.85 29.56 -34.63
CA HIS C 207 -1.29 29.74 -33.26
C HIS C 207 -0.21 30.30 -32.36
N VAL C 208 0.84 30.89 -32.92
CA VAL C 208 1.80 31.68 -32.16
C VAL C 208 1.96 33.04 -32.83
N LYS C 209 2.08 34.08 -32.02
CA LYS C 209 2.21 35.45 -32.50
C LYS C 209 3.24 36.18 -31.66
N ALA C 210 3.80 37.25 -32.24
CA ALA C 210 4.92 37.93 -31.63
C ALA C 210 4.57 38.49 -30.24
N GLU C 211 3.46 39.23 -30.15
CA GLU C 211 3.07 39.79 -28.87
C GLU C 211 2.83 38.71 -27.85
N ASP C 212 2.18 37.62 -28.25
CA ASP C 212 1.90 36.54 -27.32
C ASP C 212 3.18 35.90 -26.82
N VAL C 213 4.14 35.64 -27.71
CA VAL C 213 5.35 34.95 -27.29
C VAL C 213 6.20 35.84 -26.38
N LYS C 214 6.27 37.15 -26.67
CA LYS C 214 7.02 37.99 -25.74
C LYS C 214 6.30 38.11 -24.41
N LYS C 215 4.96 38.18 -24.42
CA LYS C 215 4.25 38.15 -23.15
C LYS C 215 4.54 36.87 -22.39
N ASP C 216 4.67 35.75 -23.11
CA ASP C 216 5.02 34.49 -22.45
C ASP C 216 6.40 34.53 -21.83
N VAL C 217 7.38 35.11 -22.53
CA VAL C 217 8.72 35.12 -21.93
C VAL C 217 8.72 36.02 -20.69
N ASN C 218 8.03 37.16 -20.75
CA ASN C 218 7.90 37.98 -19.54
C ASN C 218 7.21 37.23 -18.42
N ALA C 219 6.14 36.50 -18.75
CA ALA C 219 5.40 35.76 -17.73
C ALA C 219 6.28 34.71 -17.08
N ASN C 220 7.07 33.99 -17.88
CA ASN C 220 7.94 32.98 -17.31
C ASN C 220 9.00 33.60 -16.41
N ILE C 221 9.57 34.74 -16.82
CA ILE C 221 10.60 35.33 -15.98
C ILE C 221 10.01 36.06 -14.77
N LYS C 222 8.71 36.34 -14.74
CA LYS C 222 8.12 36.91 -13.53
C LYS C 222 7.67 35.82 -12.56
N ASN C 223 6.88 34.86 -13.06
CA ASN C 223 6.21 33.92 -12.17
C ASN C 223 7.20 33.10 -11.36
N GLN C 224 8.42 32.92 -11.87
CA GLN C 224 9.43 32.23 -11.07
C GLN C 224 9.77 33.02 -9.81
N PHE C 225 10.00 34.33 -9.95
CA PHE C 225 10.23 35.17 -8.78
C PHE C 225 9.01 35.19 -7.88
N ASP C 226 7.82 35.28 -8.49
CA ASP C 226 6.59 35.28 -7.69
C ASP C 226 6.49 34.02 -6.85
N ILE C 227 6.65 32.86 -7.46
CA ILE C 227 6.48 31.60 -6.72
C ILE C 227 7.60 31.43 -5.71
N ALA C 228 8.80 31.95 -6.01
CA ALA C 228 9.86 31.91 -5.01
C ALA C 228 9.45 32.67 -3.76
N LYS C 229 8.94 33.89 -3.93
CA LYS C 229 8.48 34.65 -2.77
C LYS C 229 7.32 33.96 -2.07
N ILE C 230 6.41 33.36 -2.84
CA ILE C 230 5.25 32.73 -2.22
C ILE C 230 5.67 31.51 -1.39
N ILE C 231 6.57 30.69 -1.92
CA ILE C 231 7.11 29.57 -1.15
C ILE C 231 7.79 30.09 0.11
N ALA C 232 8.58 31.16 -0.04
CA ALA C 232 9.31 31.70 1.10
C ALA C 232 8.35 32.15 2.20
N GLU C 233 7.29 32.86 1.82
CA GLU C 233 6.35 33.32 2.83
C GLU C 233 5.57 32.17 3.44
N LEU C 234 5.16 31.21 2.61
CA LEU C 234 4.32 30.12 3.07
C LEU C 234 5.06 29.24 4.08
N MET C 235 6.20 28.70 3.66
CA MET C 235 7.07 27.99 4.58
C MET C 235 7.71 29.01 5.50
N GLY C 236 7.15 29.16 6.69
CA GLY C 236 7.56 30.22 7.59
C GLY C 236 6.37 30.94 8.17
N LYS C 237 5.33 31.22 7.38
CA LYS C 237 4.07 31.59 8.00
C LYS C 237 3.44 30.38 8.66
N ALA C 238 3.68 29.19 8.10
CA ALA C 238 3.35 27.98 8.85
C ALA C 238 4.19 27.87 10.11
N LEU C 239 5.50 28.14 9.99
CA LEU C 239 6.37 28.05 11.14
C LEU C 239 6.02 29.07 12.21
N LYS C 240 5.36 30.16 11.84
CA LYS C 240 4.96 31.17 12.81
C LYS C 240 4.07 30.56 13.89
N GLU C 241 3.01 29.87 13.47
CA GLU C 241 2.19 29.16 14.43
C GLU C 241 2.91 27.94 14.98
N PHE C 242 3.81 27.33 14.19
CA PHE C 242 4.54 26.18 14.69
C PHE C 242 5.33 26.51 15.95
N GLY C 243 6.06 27.63 15.92
CA GLY C 243 6.96 27.96 17.02
C GLY C 243 6.22 28.39 18.27
N ASN C 244 5.21 29.25 18.12
CA ASN C 244 4.53 29.82 19.28
C ASN C 244 3.67 28.81 20.02
N GLN C 245 3.70 27.54 19.59
CA GLN C 245 2.98 26.50 20.31
C GLN C 245 3.59 26.26 21.67
N GLN C 246 2.73 26.07 22.67
CA GLN C 246 3.18 25.79 24.02
C GLN C 246 3.30 24.28 24.24
N GLU C 247 4.40 23.87 24.84
CA GLU C 247 4.71 22.45 24.96
C GLU C 247 3.63 21.73 25.78
N GLY C 248 3.38 20.47 25.41
CA GLY C 248 2.36 19.65 26.04
C GLY C 248 1.16 19.39 25.17
N GLN C 249 0.87 20.27 24.21
CA GLN C 249 -0.25 20.06 23.30
C GLN C 249 0.28 19.70 21.93
N PRO C 250 0.14 18.45 21.49
CA PRO C 250 0.67 18.07 20.18
C PRO C 250 -0.07 18.78 19.05
N LEU C 251 0.65 18.97 17.95
CA LEU C 251 0.07 19.56 16.76
C LEU C 251 0.37 18.71 15.54
N SER C 252 -0.67 18.41 14.78
CA SER C 252 -0.48 17.75 13.49
C SER C 252 0.16 18.72 12.52
N PHE C 253 1.00 18.18 11.64
CA PHE C 253 1.58 19.00 10.58
C PHE C 253 0.52 19.64 9.72
N LEU C 254 -0.67 19.03 9.66
CA LEU C 254 -1.77 19.55 8.86
C LEU C 254 -2.69 20.47 9.66
N LYS C 255 -2.40 20.70 10.95
CA LYS C 255 -3.24 21.58 11.74
C LYS C 255 -3.12 23.02 11.27
N VAL C 256 -1.92 23.58 11.35
CA VAL C 256 -1.67 24.93 10.84
C VAL C 256 -1.83 24.95 9.32
N MET C 257 -1.81 23.77 8.69
CA MET C 257 -1.83 23.71 7.23
C MET C 257 -3.05 24.44 6.68
N ASP C 258 -4.22 24.18 7.29
CA ASP C 258 -5.43 24.92 6.96
C ASP C 258 -5.43 26.34 7.49
N LYS C 259 -4.61 26.64 8.50
CA LYS C 259 -4.62 27.97 9.08
C LYS C 259 -4.22 29.03 8.07
N VAL C 260 -3.38 28.68 7.10
CA VAL C 260 -2.92 29.64 6.10
C VAL C 260 -3.18 29.05 4.71
N LYS C 261 -4.25 28.27 4.61
CA LYS C 261 -4.53 27.50 3.39
C LYS C 261 -4.66 28.38 2.15
N GLU C 262 -5.06 29.65 2.29
CA GLU C 262 -5.23 30.49 1.11
C GLU C 262 -3.90 30.74 0.41
N ASP C 263 -2.81 30.85 1.19
CA ASP C 263 -1.49 30.98 0.57
C ASP C 263 -1.12 29.74 -0.22
N PHE C 264 -1.45 28.55 0.33
CA PHE C 264 -1.23 27.31 -0.41
C PHE C 264 -2.02 27.31 -1.71
N GLU C 265 -3.28 27.74 -1.65
CA GLU C 265 -4.10 27.84 -2.85
C GLU C 265 -3.45 28.75 -3.87
N LYS C 266 -3.03 29.95 -3.44
CA LYS C 266 -2.41 30.89 -4.37
C LYS C 266 -1.15 30.31 -4.99
N LEU C 267 -0.31 29.68 -4.16
CA LEU C 267 0.91 29.06 -4.66
C LEU C 267 0.59 28.07 -5.75
N PHE C 268 -0.21 27.05 -5.42
CA PHE C 268 -0.40 25.96 -6.37
C PHE C 268 -1.21 26.40 -7.58
N ASN C 269 -2.09 27.39 -7.44
CA ASN C 269 -2.84 27.84 -8.60
C ASN C 269 -1.99 28.71 -9.52
N LEU C 270 -1.11 29.55 -8.96
CA LEU C 270 -0.17 30.27 -9.80
C LEU C 270 0.84 29.33 -10.42
N VAL C 271 1.08 28.18 -9.81
CA VAL C 271 1.91 27.17 -10.46
C VAL C 271 1.22 26.66 -11.71
N ARG C 272 0.10 25.94 -11.55
CA ARG C 272 -0.71 25.43 -12.63
C ARG C 272 -2.11 26.00 -12.47
N PRO C 273 -2.66 26.59 -13.52
CA PRO C 273 -3.95 27.29 -13.38
C PRO C 273 -5.04 26.36 -12.92
N GLY C 274 -5.91 26.88 -12.04
CA GLY C 274 -7.01 26.11 -11.50
C GLY C 274 -6.63 25.01 -10.54
N LEU C 275 -5.36 24.64 -10.45
CA LEU C 275 -4.93 23.56 -9.56
C LEU C 275 -4.74 24.04 -8.13
N GLY C 276 -5.73 24.79 -7.62
CA GLY C 276 -5.69 25.24 -6.25
C GLY C 276 -6.80 24.63 -5.42
N LYS C 277 -7.97 24.46 -6.04
CA LYS C 277 -9.07 23.78 -5.35
C LYS C 277 -8.74 22.32 -5.08
N PHE C 278 -8.04 21.69 -6.02
CA PHE C 278 -7.66 20.29 -5.84
C PHE C 278 -6.87 20.12 -4.55
N VAL C 279 -5.81 20.91 -4.38
CA VAL C 279 -5.10 20.85 -3.11
C VAL C 279 -5.91 21.48 -1.99
N LYS C 280 -6.73 22.49 -2.29
CA LYS C 280 -7.55 23.12 -1.25
C LYS C 280 -8.36 22.08 -0.49
N ASP C 281 -8.92 21.11 -1.21
CA ASP C 281 -9.68 20.04 -0.56
C ASP C 281 -8.84 18.79 -0.27
N LEU C 282 -7.67 18.63 -0.92
CA LEU C 282 -6.75 17.58 -0.51
C LEU C 282 -6.29 17.78 0.92
N ILE C 283 -6.04 19.04 1.29
CA ILE C 283 -5.43 19.36 2.57
C ILE C 283 -6.42 19.41 3.71
N GLN C 284 -7.67 19.06 3.46
CA GLN C 284 -8.68 19.05 4.51
C GLN C 284 -9.34 17.68 4.66
N SER C 285 -8.70 16.64 4.12
CA SER C 285 -9.26 15.29 4.11
C SER C 285 -8.70 14.44 5.26
N SER C 286 -8.83 14.97 6.47
CA SER C 286 -8.47 14.23 7.67
C SER C 286 -9.41 14.65 8.78
N SER C 287 -9.46 13.83 9.83
CA SER C 287 -10.36 14.12 10.94
C SER C 287 -10.01 15.41 11.66
N GLN C 288 -8.80 15.93 11.45
CA GLN C 288 -8.37 17.15 12.13
C GLN C 288 -8.88 18.42 11.48
N ALA C 289 -9.49 18.34 10.29
CA ALA C 289 -9.91 19.54 9.59
C ALA C 289 -11.12 20.19 10.28
N GLU C 290 -11.11 21.51 10.32
CA GLU C 290 -12.25 22.25 10.85
C GLU C 290 -13.50 21.99 10.02
N ASN C 291 -13.35 21.97 8.70
CA ASN C 291 -14.44 21.63 7.79
C ASN C 291 -14.00 20.39 7.02
N LYS C 292 -14.26 19.23 7.61
CA LYS C 292 -13.91 17.98 6.98
C LYS C 292 -14.78 17.74 5.76
N ILE C 293 -14.18 17.21 4.70
CA ILE C 293 -14.89 16.90 3.47
C ILE C 293 -14.52 15.49 3.03
N THR C 294 -15.45 14.85 2.34
CA THR C 294 -15.26 13.46 1.94
C THR C 294 -14.38 13.38 0.69
N VAL C 295 -13.53 12.36 0.66
CA VAL C 295 -12.61 12.17 -0.45
C VAL C 295 -13.40 11.97 -1.75
N TYR C 296 -14.63 11.47 -1.65
CA TYR C 296 -15.47 11.41 -2.84
C TYR C 296 -15.90 12.80 -3.28
N LYS C 297 -16.34 13.64 -2.34
CA LYS C 297 -16.60 15.03 -2.69
C LYS C 297 -15.34 15.69 -3.23
N LEU C 298 -14.19 15.33 -2.68
CA LEU C 298 -12.91 15.82 -3.21
C LEU C 298 -12.77 15.44 -4.68
N ILE C 299 -12.75 14.15 -4.97
CA ILE C 299 -12.43 13.69 -6.32
C ILE C 299 -13.48 14.12 -7.33
N PHE C 300 -14.73 14.32 -6.88
CA PHE C 300 -15.79 14.59 -7.85
C PHE C 300 -15.61 15.93 -8.54
N ASP C 301 -15.07 16.93 -7.84
CA ASP C 301 -15.11 18.30 -8.36
C ASP C 301 -14.32 18.51 -9.65
N ASN C 302 -13.00 18.48 -9.56
CA ASN C 302 -12.12 18.90 -10.66
C ASN C 302 -11.45 17.71 -11.34
N LYS C 303 -12.23 16.99 -12.16
CA LYS C 303 -11.66 15.88 -12.93
C LYS C 303 -10.48 16.29 -13.79
N LYS C 304 -10.53 17.49 -14.37
CA LYS C 304 -9.47 17.94 -15.23
C LYS C 304 -8.12 17.87 -14.53
N THR C 305 -8.08 18.28 -13.26
CA THR C 305 -6.81 18.29 -12.53
C THR C 305 -6.28 16.87 -12.32
N ILE C 306 -7.15 15.95 -11.92
CA ILE C 306 -6.71 14.56 -11.77
C ILE C 306 -6.19 14.04 -13.09
N LEU C 307 -6.85 14.36 -14.19
CA LEU C 307 -6.36 13.92 -15.49
C LEU C 307 -4.98 14.49 -15.78
N ASN C 308 -4.81 15.79 -15.53
CA ASN C 308 -3.52 16.42 -15.76
C ASN C 308 -2.43 15.76 -14.96
N LEU C 309 -2.65 15.57 -13.66
CA LEU C 309 -1.60 14.99 -12.84
C LEU C 309 -1.32 13.54 -13.22
N LEU C 310 -2.37 12.79 -13.57
CA LEU C 310 -2.18 11.39 -13.94
C LEU C 310 -1.35 11.27 -15.20
N LYS C 311 -1.60 12.12 -16.20
CA LYS C 311 -0.78 12.09 -17.39
C LYS C 311 0.53 12.88 -17.25
N GLU C 312 0.73 13.57 -16.12
CA GLU C 312 2.04 14.09 -15.81
C GLU C 312 2.97 13.00 -15.29
N LEU C 313 2.41 11.91 -14.76
CA LEU C 313 3.23 10.84 -14.22
C LEU C 313 3.86 10.03 -15.35
N SER C 314 4.92 9.31 -14.99
CA SER C 314 5.76 8.63 -15.98
C SER C 314 5.43 7.16 -16.17
N ILE C 315 4.51 6.59 -15.39
CA ILE C 315 4.18 5.17 -15.52
C ILE C 315 3.27 4.99 -16.72
N PRO C 316 3.68 4.21 -17.73
CA PRO C 316 2.85 4.06 -18.93
C PRO C 316 1.54 3.33 -18.67
N GLU C 317 1.55 2.27 -17.86
CA GLU C 317 0.36 1.45 -17.66
C GLU C 317 -0.84 2.28 -17.21
N LEU C 318 -0.60 3.36 -16.47
CA LEU C 318 -1.70 4.20 -15.99
C LEU C 318 -2.60 4.69 -17.12
N ASN C 319 -2.06 4.83 -18.33
CA ASN C 319 -2.87 5.27 -19.46
C ASN C 319 -4.12 4.41 -19.62
N SER C 320 -3.99 3.10 -19.38
CA SER C 320 -5.14 2.22 -19.51
C SER C 320 -6.26 2.65 -18.57
N SER C 321 -5.92 3.00 -17.33
CA SER C 321 -6.93 3.49 -16.40
C SER C 321 -7.60 4.74 -16.94
N LEU C 322 -6.84 5.62 -17.60
CA LEU C 322 -7.42 6.82 -18.16
C LEU C 322 -8.52 6.51 -19.16
N GLY C 323 -8.52 5.30 -19.73
CA GLY C 323 -9.59 4.92 -20.63
C GLY C 323 -10.95 4.85 -19.98
N LEU C 324 -11.01 4.48 -18.71
CA LEU C 324 -12.30 4.21 -18.09
C LEU C 324 -12.87 5.40 -17.33
N VAL C 325 -12.04 6.38 -16.96
CA VAL C 325 -12.48 7.41 -16.02
C VAL C 325 -13.68 8.18 -16.57
N ASP C 326 -13.61 8.60 -17.83
CA ASP C 326 -14.77 9.23 -18.46
C ASP C 326 -15.94 8.26 -18.49
N VAL C 327 -15.70 7.03 -18.94
CA VAL C 327 -16.73 5.99 -18.88
C VAL C 327 -17.15 5.80 -17.43
N LEU C 328 -16.23 5.97 -16.49
CA LEU C 328 -16.59 5.91 -15.08
C LEU C 328 -17.47 7.09 -14.70
N PHE C 329 -17.15 8.28 -15.18
CA PHE C 329 -17.70 9.50 -14.60
C PHE C 329 -18.70 10.21 -15.51
N ASP C 330 -19.17 9.56 -16.56
CA ASP C 330 -20.22 10.16 -17.37
C ASP C 330 -21.54 10.16 -16.60
N GLY C 331 -22.27 11.26 -16.70
CA GLY C 331 -23.59 11.35 -16.11
C GLY C 331 -23.64 11.18 -14.60
N ILE C 332 -22.77 11.87 -13.87
CA ILE C 332 -22.76 11.85 -12.42
C ILE C 332 -23.03 13.25 -11.90
N THR C 333 -24.01 13.37 -11.01
CA THR C 333 -24.43 14.68 -10.51
C THR C 333 -23.92 15.00 -9.11
N ASP C 334 -23.51 14.00 -8.34
CA ASP C 334 -22.97 14.25 -7.01
C ASP C 334 -22.16 13.03 -6.57
N SER C 335 -21.46 13.20 -5.45
CA SER C 335 -20.55 12.16 -4.96
C SER C 335 -21.30 10.91 -4.50
N ASP C 336 -22.54 11.04 -4.06
CA ASP C 336 -23.32 9.87 -3.67
C ASP C 336 -23.51 8.94 -4.87
N GLY C 337 -23.82 9.52 -6.03
CA GLY C 337 -23.87 8.72 -7.25
C GLY C 337 -22.55 8.09 -7.58
N LEU C 338 -21.44 8.77 -7.28
CA LEU C 338 -20.13 8.17 -7.48
C LEU C 338 -19.94 6.95 -6.59
N TYR C 339 -20.33 7.05 -5.32
CA TYR C 339 -20.24 5.90 -4.43
C TYR C 339 -21.08 4.76 -4.97
N GLU C 340 -22.30 5.05 -5.41
CA GLU C 340 -23.17 4.01 -5.95
C GLU C 340 -22.55 3.36 -7.18
N ARG C 341 -22.03 4.16 -8.11
CA ARG C 341 -21.49 3.61 -9.34
C ARG C 341 -20.21 2.82 -9.10
N LEU C 342 -19.35 3.32 -8.21
CA LEU C 342 -18.15 2.57 -7.87
C LEU C 342 -18.49 1.24 -7.21
N GLN C 343 -19.49 1.23 -6.33
CA GLN C 343 -19.92 -0.04 -5.75
C GLN C 343 -20.45 -0.97 -6.84
N SER C 344 -21.20 -0.42 -7.79
CA SER C 344 -21.75 -1.26 -8.87
C SER C 344 -20.63 -1.88 -9.70
N PHE C 345 -19.62 -1.10 -10.04
CA PHE C 345 -18.50 -1.62 -10.83
C PHE C 345 -17.45 -2.34 -9.98
N LYS C 346 -17.62 -2.40 -8.66
CA LYS C 346 -16.63 -3.07 -7.83
C LYS C 346 -16.42 -4.52 -8.24
N ASP C 347 -17.44 -5.16 -8.82
CA ASP C 347 -17.26 -6.53 -9.31
C ASP C 347 -16.20 -6.58 -10.40
N LEU C 348 -16.20 -5.60 -11.30
CA LEU C 348 -15.14 -5.52 -12.30
C LEU C 348 -13.84 -4.95 -11.73
N ILE C 349 -13.93 -4.18 -10.65
CA ILE C 349 -12.75 -3.57 -10.06
C ILE C 349 -11.88 -4.61 -9.35
N VAL C 350 -12.51 -5.54 -8.64
CA VAL C 350 -11.75 -6.46 -7.78
C VAL C 350 -10.76 -7.33 -8.55
N PRO C 351 -11.14 -7.98 -9.69
CA PRO C 351 -10.23 -9.00 -10.24
C PRO C 351 -8.96 -8.40 -10.83
N ALA C 352 -9.09 -7.38 -11.67
CA ALA C 352 -7.93 -6.78 -12.32
C ALA C 352 -6.97 -6.20 -11.30
N VAL C 353 -7.49 -5.54 -10.28
CA VAL C 353 -6.63 -5.01 -9.21
C VAL C 353 -6.00 -6.15 -8.44
N LYS C 354 -6.75 -7.22 -8.20
CA LYS C 354 -6.28 -8.29 -7.32
C LYS C 354 -5.43 -9.33 -8.05
N THR C 355 -5.23 -9.20 -9.35
CA THR C 355 -4.49 -10.19 -10.11
C THR C 355 -3.03 -9.80 -10.37
N ASN C 356 -2.63 -8.59 -9.99
CA ASN C 356 -1.26 -8.13 -10.20
C ASN C 356 -0.55 -8.09 -8.85
N GLU C 357 0.66 -8.66 -8.81
CA GLU C 357 1.39 -8.74 -7.55
C GLU C 357 1.64 -7.35 -6.96
N LYS C 358 2.05 -6.41 -7.82
CA LYS C 358 2.21 -5.03 -7.39
C LYS C 358 0.94 -4.54 -6.70
N THR C 359 -0.21 -4.75 -7.32
CA THR C 359 -1.48 -4.41 -6.71
C THR C 359 -2.01 -5.51 -5.80
N ALA C 360 -1.46 -6.72 -5.86
CA ALA C 360 -1.77 -7.69 -4.82
C ALA C 360 -1.32 -7.18 -3.46
N ALA C 361 -0.23 -6.40 -3.44
CA ALA C 361 0.10 -5.67 -2.23
C ALA C 361 -0.98 -4.66 -1.89
N LEU C 362 -1.46 -3.91 -2.88
CA LEU C 362 -2.46 -2.87 -2.65
C LEU C 362 -3.82 -3.43 -2.29
N SER C 363 -4.01 -4.75 -2.43
CA SER C 363 -5.33 -5.36 -2.30
C SER C 363 -6.19 -4.86 -1.13
N PRO C 364 -5.70 -4.71 0.10
CA PRO C 364 -6.62 -4.31 1.17
C PRO C 364 -7.24 -2.95 0.95
N LEU C 365 -6.41 -1.93 0.66
CA LEU C 365 -6.86 -0.54 0.70
C LEU C 365 -8.14 -0.31 -0.08
N ILE C 366 -8.18 -0.79 -1.33
CA ILE C 366 -9.32 -0.56 -2.21
C ILE C 366 -10.59 -1.12 -1.60
N GLU C 367 -10.47 -2.22 -0.86
CA GLU C 367 -11.64 -2.82 -0.23
C GLU C 367 -12.34 -1.82 0.68
N GLU C 368 -11.66 -1.37 1.74
CA GLU C 368 -12.32 -0.43 2.64
C GLU C 368 -12.63 0.89 1.95
N LEU C 369 -11.89 1.23 0.89
CA LEU C 369 -12.29 2.40 0.11
C LEU C 369 -13.68 2.22 -0.47
N LEU C 370 -13.97 1.03 -0.99
CA LEU C 370 -15.27 0.76 -1.58
C LEU C 370 -16.34 0.41 -0.55
N THR C 371 -15.97 0.03 0.66
CA THR C 371 -16.96 -0.34 1.65
C THR C 371 -17.52 0.89 2.37
N GLN C 372 -16.68 1.58 3.13
CA GLN C 372 -17.15 2.66 3.97
C GLN C 372 -17.33 3.92 3.15
N LYS C 373 -18.43 4.63 3.41
CA LYS C 373 -18.76 5.85 2.70
C LYS C 373 -18.12 7.08 3.31
N ASP C 374 -17.24 6.92 4.31
CA ASP C 374 -16.64 8.05 5.00
C ASP C 374 -15.13 7.92 5.08
N THR C 375 -14.50 7.34 4.05
CA THR C 375 -13.06 7.23 4.01
C THR C 375 -12.42 8.61 3.87
N TYR C 376 -11.40 8.86 4.69
CA TYR C 376 -10.65 10.10 4.63
C TYR C 376 -9.18 9.75 4.43
N VAL C 377 -8.57 10.34 3.39
CA VAL C 377 -7.37 9.75 2.80
C VAL C 377 -6.23 9.65 3.80
N PHE C 378 -6.07 10.67 4.66
CA PHE C 378 -4.99 10.61 5.64
C PHE C 378 -5.23 9.51 6.66
N ASP C 379 -6.46 9.39 7.15
CA ASP C 379 -6.79 8.25 8.01
C ASP C 379 -6.60 6.94 7.28
N LEU C 380 -6.91 6.92 5.98
CA LEU C 380 -6.66 5.71 5.19
C LEU C 380 -5.19 5.34 5.19
N ILE C 381 -4.32 6.33 4.96
CA ILE C 381 -2.88 6.07 4.89
C ILE C 381 -2.37 5.59 6.23
N GLN C 382 -2.79 6.24 7.31
CA GLN C 382 -2.33 5.79 8.62
C GLN C 382 -2.90 4.42 8.98
N LYS C 383 -4.01 4.02 8.35
CA LYS C 383 -4.55 2.69 8.61
C LYS C 383 -3.60 1.59 8.16
N HIS C 384 -2.92 1.78 7.04
CA HIS C 384 -2.05 0.75 6.46
C HIS C 384 -0.69 1.33 6.12
N LYS C 385 0.27 1.20 7.04
CA LYS C 385 1.63 1.63 6.75
C LYS C 385 2.29 0.74 5.70
N GLY C 386 2.15 -0.58 5.85
CA GLY C 386 3.08 -1.49 5.22
C GLY C 386 3.10 -1.42 3.71
N ILE C 387 1.92 -1.47 3.09
CA ILE C 387 1.84 -1.48 1.63
C ILE C 387 2.42 -0.19 1.06
N LEU C 388 2.09 0.94 1.70
CA LEU C 388 2.65 2.21 1.27
C LEU C 388 4.16 2.20 1.37
N THR C 389 4.71 1.64 2.46
CA THR C 389 6.16 1.54 2.59
C THR C 389 6.75 0.70 1.46
N ASN C 390 6.15 -0.45 1.17
CA ASN C 390 6.70 -1.35 0.18
C ASN C 390 6.71 -0.72 -1.20
N LEU C 391 5.65 0.00 -1.55
CA LEU C 391 5.63 0.67 -2.85
C LEU C 391 6.63 1.83 -2.87
N LEU C 392 6.63 2.64 -1.81
CA LEU C 392 7.45 3.84 -1.81
C LEU C 392 8.93 3.52 -1.88
N LYS C 393 9.36 2.43 -1.24
CA LYS C 393 10.77 2.07 -1.32
C LYS C 393 11.17 1.69 -2.74
N ASN C 394 10.28 1.02 -3.47
CA ASN C 394 10.58 0.70 -4.87
C ASN C 394 10.68 1.98 -5.70
N PHE C 395 9.74 2.91 -5.51
CA PHE C 395 9.83 4.18 -6.25
C PHE C 395 11.11 4.93 -5.89
N LEU C 396 11.48 4.94 -4.61
CA LEU C 396 12.69 5.61 -4.18
C LEU C 396 13.92 4.97 -4.79
N ALA C 397 13.94 3.64 -4.88
CA ALA C 397 15.08 2.96 -5.49
C ALA C 397 15.19 3.31 -6.96
N ASP C 398 14.05 3.36 -7.67
CA ASP C 398 14.08 3.78 -9.06
C ASP C 398 14.63 5.19 -9.21
N PHE C 399 14.17 6.10 -8.34
CA PHE C 399 14.68 7.46 -8.38
C PHE C 399 16.18 7.50 -8.10
N GLN C 400 16.65 6.67 -7.16
CA GLN C 400 18.07 6.66 -6.81
C GLN C 400 18.92 6.19 -7.97
N LYS C 401 18.52 5.12 -8.65
CA LYS C 401 19.25 4.73 -9.85
C LYS C 401 19.04 5.70 -11.01
N SER C 402 18.03 6.57 -10.94
CA SER C 402 17.85 7.55 -12.01
C SER C 402 18.92 8.63 -11.97
N THR C 403 18.99 9.40 -10.88
CA THR C 403 19.87 10.56 -10.77
C THR C 403 20.90 10.31 -9.67
N PRO C 404 22.14 9.93 -10.03
CA PRO C 404 23.15 9.63 -9.00
C PRO C 404 23.95 10.84 -8.53
N PHE C 405 23.86 11.99 -9.21
CA PHE C 405 24.68 13.14 -8.84
C PHE C 405 24.34 13.71 -7.47
N MET C 406 23.21 13.31 -6.89
CA MET C 406 22.86 13.65 -5.52
C MET C 406 22.86 12.40 -4.66
N ALA C 407 23.91 11.58 -4.83
CA ALA C 407 23.93 10.22 -4.29
C ALA C 407 23.62 10.19 -2.80
N ASP C 408 24.06 11.19 -2.04
CA ASP C 408 23.78 11.18 -0.61
C ASP C 408 22.33 11.52 -0.31
N GLN C 409 21.74 12.51 -0.99
CA GLN C 409 20.33 12.81 -0.74
C GLN C 409 19.45 11.61 -1.05
N VAL C 410 19.59 11.03 -2.25
CA VAL C 410 18.82 9.82 -2.55
C VAL C 410 19.20 8.73 -1.56
N ALA C 411 20.41 8.79 -1.01
CA ALA C 411 20.74 7.95 0.13
C ALA C 411 19.86 8.29 1.33
N ILE C 412 19.98 9.52 1.84
CA ILE C 412 19.47 9.82 3.18
C ILE C 412 17.98 9.56 3.27
N PHE C 413 17.21 10.04 2.28
CA PHE C 413 15.76 9.84 2.30
C PHE C 413 15.41 8.38 2.55
N THR C 414 16.13 7.47 1.91
CA THR C 414 15.83 6.05 2.06
C THR C 414 15.87 5.63 3.51
N GLU C 415 16.95 5.97 4.22
CA GLU C 415 17.06 5.51 5.59
C GLU C 415 16.03 6.18 6.50
N LEU C 416 15.38 7.25 6.02
CA LEU C 416 14.30 7.83 6.80
C LEU C 416 13.08 6.92 6.80
N PHE C 417 12.84 6.22 5.70
CA PHE C 417 11.60 5.50 5.51
C PHE C 417 11.65 4.07 5.99
N ASP C 418 12.79 3.61 6.53
CA ASP C 418 12.86 2.25 7.05
C ASP C 418 11.98 2.10 8.29
N ASN C 419 12.10 3.02 9.24
CA ASN C 419 11.23 2.98 10.40
C ASN C 419 9.80 3.35 10.01
N GLU C 420 8.84 2.65 10.60
CA GLU C 420 7.44 2.84 10.24
C GLU C 420 6.82 4.07 10.90
N GLY C 421 7.53 4.74 11.79
CA GLY C 421 6.99 5.95 12.40
C GLY C 421 6.88 7.12 11.46
N ALA C 422 7.67 7.13 10.38
CA ALA C 422 7.74 8.29 9.51
C ALA C 422 6.38 8.62 8.89
N PHE C 423 5.66 7.59 8.43
CA PHE C 423 4.35 7.84 7.83
C PHE C 423 3.36 8.40 8.83
N ASP C 424 3.67 8.34 10.13
CA ASP C 424 2.85 9.02 11.14
C ASP C 424 2.76 10.51 10.87
N LEU C 425 3.59 11.05 9.97
CA LEU C 425 3.39 12.43 9.52
C LEU C 425 1.96 12.65 9.06
N PHE C 426 1.34 11.65 8.45
CA PHE C 426 -0.09 11.67 8.21
C PHE C 426 -0.85 11.01 9.38
N GLY C 427 -0.54 11.47 10.59
CA GLY C 427 -1.22 10.99 11.78
C GLY C 427 -1.00 11.97 12.91
N GLU C 428 -1.98 12.01 13.82
CA GLU C 428 -1.92 12.98 14.91
C GLU C 428 -0.72 12.72 15.79
N ALA C 429 0.01 13.77 16.12
CA ALA C 429 1.21 13.72 16.94
C ALA C 429 1.63 15.16 17.22
N ASP C 430 2.81 15.32 17.82
CA ASP C 430 3.47 16.62 17.94
C ASP C 430 4.56 16.68 16.89
N PHE C 431 4.38 17.55 15.90
CA PHE C 431 5.22 17.49 14.70
C PHE C 431 6.68 17.75 15.02
N VAL C 432 6.95 18.69 15.93
CA VAL C 432 8.34 18.99 16.26
C VAL C 432 8.99 17.81 16.99
N ASP C 433 8.30 17.25 17.99
CA ASP C 433 8.83 16.10 18.70
C ASP C 433 8.96 14.90 17.77
N LYS C 434 8.04 14.76 16.83
CA LYS C 434 8.08 13.63 15.91
C LYS C 434 9.24 13.79 14.93
N ILE C 435 9.39 14.98 14.37
CA ILE C 435 10.44 15.21 13.39
C ILE C 435 11.81 15.11 14.06
N ALA C 436 11.88 15.43 15.36
CA ALA C 436 13.14 15.27 16.08
C ALA C 436 13.60 13.83 16.08
N GLU C 437 12.74 12.90 16.51
CA GLU C 437 13.15 11.50 16.52
C GLU C 437 13.29 10.98 15.09
N LEU C 438 12.66 11.64 14.12
CA LEU C 438 12.94 11.29 12.72
C LEU C 438 14.35 11.71 12.30
N PHE C 439 14.92 12.75 12.90
CA PHE C 439 16.22 13.23 12.45
C PHE C 439 17.24 13.50 13.55
N LEU C 440 16.85 13.53 14.81
CA LEU C 440 17.75 13.93 15.89
C LEU C 440 17.97 12.78 16.88
N THR C 441 18.06 11.55 16.40
CA THR C 441 18.28 10.41 17.27
C THR C 441 18.97 9.30 16.49
N LYS C 442 19.85 8.57 17.17
CA LYS C 442 20.50 7.42 16.56
C LYS C 442 19.47 6.35 16.19
N ARG C 443 19.73 5.63 15.12
CA ARG C 443 18.84 4.58 14.66
C ARG C 443 19.56 3.24 14.70
N THR C 444 18.79 2.18 14.95
CA THR C 444 19.29 0.81 15.07
C THR C 444 18.37 -0.15 14.31
N VAL C 445 18.02 0.21 13.08
CA VAL C 445 17.02 -0.55 12.34
C VAL C 445 17.67 -1.75 11.67
N LYS C 446 17.84 -2.82 12.45
CA LYS C 446 18.35 -4.13 12.05
C LYS C 446 18.35 -5.00 13.30
N ASN C 447 18.37 -6.31 13.11
CA ASN C 447 18.26 -7.23 14.23
C ASN C 447 19.30 -8.34 14.19
N GLY C 448 20.51 -8.05 13.68
CA GLY C 448 21.55 -9.06 13.71
C GLY C 448 22.04 -9.33 15.11
N GLU C 449 22.80 -8.39 15.67
CA GLU C 449 23.07 -8.37 17.10
C GLU C 449 22.64 -7.06 17.74
N LYS C 450 23.17 -5.93 17.26
CA LYS C 450 22.75 -4.59 17.66
C LYS C 450 23.40 -3.58 16.73
N ILE C 451 22.61 -2.68 16.14
CA ILE C 451 23.11 -1.78 15.12
C ILE C 451 22.88 -0.33 15.55
N GLU C 452 22.98 -0.08 16.86
CA GLU C 452 22.86 1.28 17.37
C GLU C 452 23.93 2.19 16.79
N THR C 453 25.04 1.63 16.30
CA THR C 453 26.11 2.42 15.71
C THR C 453 25.70 3.12 14.42
N LYS C 454 24.56 2.76 13.83
CA LYS C 454 24.11 3.43 12.62
C LYS C 454 23.90 4.93 12.82
N ASP C 455 23.62 5.34 14.06
CA ASP C 455 23.56 6.75 14.46
C ASP C 455 22.42 7.45 13.73
N SER C 456 22.37 8.78 13.78
CA SER C 456 21.25 9.54 13.26
C SER C 456 21.44 9.85 11.78
N LEU C 457 20.43 10.45 11.18
CA LEU C 457 20.43 10.66 9.73
C LEU C 457 21.15 11.94 9.32
N LEU C 458 20.98 13.02 10.09
CA LEU C 458 21.64 14.27 9.72
C LEU C 458 23.15 14.13 9.77
N VAL C 459 23.67 13.40 10.76
CA VAL C 459 25.10 13.19 10.83
C VAL C 459 25.59 12.36 9.66
N THR C 460 24.78 11.40 9.20
CA THR C 460 25.15 10.67 7.99
C THR C 460 25.21 11.62 6.80
N SER C 461 24.25 12.52 6.68
CA SER C 461 24.28 13.49 5.60
C SER C 461 25.53 14.37 5.69
N LEU C 462 25.89 14.77 6.91
CA LEU C 462 27.12 15.54 7.11
C LEU C 462 28.34 14.77 6.62
N LYS C 463 28.59 13.60 7.19
CA LYS C 463 29.79 12.87 6.80
C LYS C 463 29.77 12.44 5.34
N SER C 464 28.59 12.42 4.72
CA SER C 464 28.54 12.21 3.28
C SER C 464 28.98 13.45 2.51
N LEU C 465 28.39 14.60 2.83
CA LEU C 465 28.73 15.84 2.12
C LEU C 465 30.19 16.22 2.35
N LEU C 466 30.60 16.30 3.61
CA LEU C 466 31.99 16.63 3.94
C LEU C 466 32.82 15.35 4.06
N GLY C 467 32.92 14.64 2.93
CA GLY C 467 33.57 13.34 2.94
C GLY C 467 35.04 13.41 3.32
N GLU C 468 35.80 14.27 2.64
CA GLU C 468 37.22 14.40 2.94
C GLU C 468 37.67 15.86 2.87
N LYS C 469 36.75 16.81 2.67
CA LYS C 469 37.15 18.19 2.50
C LYS C 469 37.88 18.75 3.71
N VAL C 470 37.74 18.12 4.87
CA VAL C 470 38.47 18.53 6.07
C VAL C 470 39.14 17.30 6.67
N ALA C 471 40.24 17.53 7.37
CA ALA C 471 40.94 16.46 8.08
C ALA C 471 40.99 16.69 9.58
N ALA C 472 41.46 17.85 10.02
CA ALA C 472 41.64 18.09 11.45
C ALA C 472 40.31 18.30 12.15
N LEU C 473 39.43 19.10 11.56
CA LEU C 473 38.17 19.45 12.23
C LEU C 473 37.24 18.26 12.38
N GLY C 474 37.43 17.20 11.61
CA GLY C 474 36.64 15.99 11.80
C GLY C 474 36.76 15.44 13.21
N ASP C 475 37.90 15.65 13.85
CA ASP C 475 38.03 15.30 15.26
C ASP C 475 37.03 16.08 16.10
N LEU C 476 36.85 17.38 15.80
CA LEU C 476 35.84 18.16 16.52
C LEU C 476 34.44 17.75 16.15
N LEU C 477 34.22 17.31 14.91
CA LEU C 477 32.94 16.74 14.54
C LEU C 477 32.62 15.54 15.41
N ASP C 478 33.63 14.69 15.65
CA ASP C 478 33.46 13.58 16.57
C ASP C 478 33.22 14.07 18.00
N SER C 479 33.96 15.11 18.41
CA SER C 479 33.93 15.54 19.81
C SER C 479 32.62 16.20 20.19
N TYR C 480 32.15 17.14 19.36
CA TYR C 480 31.01 17.98 19.71
C TYR C 480 29.79 17.78 18.83
N ILE C 481 29.90 17.06 17.71
CA ILE C 481 28.79 16.83 16.80
C ILE C 481 28.45 15.35 16.70
N PHE C 482 29.44 14.52 16.40
CA PHE C 482 29.18 13.09 16.22
C PHE C 482 28.86 12.38 17.53
N LYS C 483 29.15 13.01 18.67
CA LYS C 483 28.87 12.44 19.98
C LYS C 483 28.12 13.44 20.84
N ASN C 484 27.24 14.23 20.22
CA ASN C 484 26.42 15.19 20.93
C ASN C 484 25.03 14.59 21.14
N GLU C 485 24.62 14.48 22.41
CA GLU C 485 23.30 13.95 22.69
C GLU C 485 22.20 14.84 22.13
N LEU C 486 22.46 16.15 22.01
CA LEU C 486 21.50 17.04 21.36
C LEU C 486 21.32 16.66 19.90
N LEU C 487 22.40 16.26 19.22
CA LEU C 487 22.33 15.82 17.85
C LEU C 487 22.14 14.32 17.70
N ASN C 488 22.67 13.53 18.62
CA ASN C 488 22.58 12.07 18.57
C ASN C 488 22.20 11.56 19.96
N ARG C 489 20.92 11.27 20.14
CA ARG C 489 20.36 11.02 21.46
C ARG C 489 20.70 9.63 22.00
N SER C 490 21.11 8.69 21.14
CA SER C 490 21.52 7.35 21.56
C SER C 490 20.38 6.64 22.32
N VAL C 491 19.31 6.39 21.57
CA VAL C 491 18.09 5.80 22.11
C VAL C 491 18.40 4.50 22.83
N GLU C 492 17.56 4.13 23.80
CA GLU C 492 17.64 2.94 24.63
C GLU C 492 18.75 3.04 25.67
N VAL C 493 19.58 4.08 25.63
CA VAL C 493 20.66 4.26 26.59
C VAL C 493 20.23 5.29 27.62
N ALA C 494 19.26 6.14 27.26
CA ALA C 494 18.81 7.18 28.17
C ALA C 494 18.19 6.59 29.43
N LYS C 495 17.33 5.58 29.27
CA LYS C 495 16.72 4.90 30.42
C LYS C 495 17.52 3.68 30.83
N ALA C 496 18.83 3.86 31.01
CA ALA C 496 19.72 2.78 31.43
C ALA C 496 20.56 3.13 32.64
N GLU C 497 20.98 4.40 32.77
CA GLU C 497 21.85 4.81 33.86
C GLU C 497 21.21 5.78 34.83
N ALA C 498 20.21 6.56 34.39
CA ALA C 498 19.57 7.52 35.27
C ALA C 498 18.51 6.88 36.14
N LYS C 499 17.47 6.31 35.51
CA LYS C 499 16.37 5.64 36.19
C LYS C 499 15.65 6.54 37.18
N ASP C 500 15.76 7.86 37.03
CA ASP C 500 15.09 8.80 37.91
C ASP C 500 14.45 9.97 37.19
N THR C 501 14.59 10.07 35.86
CA THR C 501 14.03 11.15 35.06
C THR C 501 14.53 12.50 35.59
N LYS C 502 15.84 12.72 35.44
CA LYS C 502 16.45 13.98 35.83
C LYS C 502 16.13 15.06 34.79
N GLY C 503 16.39 16.31 35.18
CA GLY C 503 16.21 17.42 34.25
C GLY C 503 17.13 17.30 33.05
N ALA C 504 18.39 16.94 33.29
CA ALA C 504 19.33 16.74 32.18
C ALA C 504 19.11 15.43 31.46
N THR C 505 18.55 14.42 32.15
CA THR C 505 18.31 13.13 31.52
C THR C 505 17.35 13.26 30.34
N ASP C 506 16.35 14.13 30.46
CA ASP C 506 15.39 14.35 29.38
C ASP C 506 16.01 15.36 28.41
N TYR C 507 16.91 14.85 27.56
CA TYR C 507 17.44 15.66 26.47
C TYR C 507 16.36 16.03 25.47
N LYS C 508 15.28 15.25 25.41
CA LYS C 508 14.26 15.46 24.40
C LYS C 508 13.67 16.85 24.50
N LYS C 509 13.32 17.28 25.72
CA LYS C 509 12.69 18.58 25.87
C LYS C 509 13.67 19.71 25.56
N GLU C 510 14.94 19.55 25.94
CA GLU C 510 15.94 20.57 25.64
C GLU C 510 16.11 20.74 24.13
N GLN C 511 16.25 19.63 23.40
CA GLN C 511 16.40 19.74 21.96
C GLN C 511 15.13 20.26 21.30
N ALA C 512 13.96 19.90 21.85
CA ALA C 512 12.71 20.40 21.29
C ALA C 512 12.58 21.90 21.47
N LYS C 513 12.90 22.41 22.67
CA LYS C 513 12.80 23.85 22.88
C LYS C 513 13.82 24.61 22.03
N ALA C 514 15.03 24.06 21.88
CA ALA C 514 16.00 24.71 21.01
C ALA C 514 15.49 24.73 19.57
N LEU C 515 14.91 23.63 19.11
CA LEU C 515 14.38 23.57 17.74
C LEU C 515 13.26 24.58 17.55
N LYS C 516 12.35 24.67 18.53
CA LYS C 516 11.28 25.66 18.45
C LYS C 516 11.83 27.07 18.46
N LYS C 517 12.85 27.32 19.27
CA LYS C 517 13.42 28.66 19.34
C LYS C 517 14.03 29.05 18.00
N LEU C 518 14.78 28.14 17.38
CA LEU C 518 15.37 28.43 16.08
C LEU C 518 14.28 28.65 15.03
N PHE C 519 13.24 27.81 15.05
CA PHE C 519 12.17 27.96 14.09
C PHE C 519 11.46 29.31 14.25
N LYS C 520 11.17 29.70 15.50
CA LYS C 520 10.49 30.96 15.70
C LYS C 520 11.37 32.13 15.30
N HIS C 521 12.67 32.06 15.57
CA HIS C 521 13.56 33.15 15.20
C HIS C 521 13.66 33.29 13.69
N ILE C 522 13.76 32.17 12.97
CA ILE C 522 13.79 32.28 11.51
C ILE C 522 12.45 32.76 10.98
N GLY C 523 11.36 32.34 11.59
CA GLY C 523 10.04 32.71 11.09
C GLY C 523 9.65 34.15 11.33
N GLU C 524 9.40 34.51 12.60
CA GLU C 524 8.80 35.80 12.88
C GLU C 524 9.80 36.94 12.85
N ASN C 525 11.09 36.66 13.00
CA ASN C 525 12.11 37.69 12.92
C ASN C 525 12.66 37.82 11.50
N THR C 526 13.25 36.75 10.98
CA THR C 526 13.89 36.79 9.66
C THR C 526 12.86 36.73 8.54
N LEU C 527 12.05 35.66 8.52
CA LEU C 527 11.08 35.47 7.46
C LEU C 527 9.83 36.32 7.65
N SER C 528 9.93 37.41 8.42
CA SER C 528 8.79 38.27 8.68
C SER C 528 8.30 38.92 7.39
N LYS C 529 7.06 39.39 7.44
CA LYS C 529 6.44 40.01 6.26
C LYS C 529 7.18 41.25 5.82
N THR C 530 7.58 42.10 6.78
CA THR C 530 8.26 43.34 6.43
C THR C 530 9.57 43.06 5.71
N ASN C 531 10.28 42.01 6.11
CA ASN C 531 11.53 41.66 5.44
C ASN C 531 11.28 41.23 4.00
N LEU C 532 10.27 40.40 3.76
CA LEU C 532 9.96 40.00 2.40
C LEU C 532 9.43 41.15 1.57
N ASP C 533 8.91 42.20 2.22
CA ASP C 533 8.50 43.39 1.50
C ASP C 533 9.68 44.04 0.77
N LYS C 534 10.89 43.91 1.31
CA LYS C 534 12.04 44.62 0.76
C LYS C 534 12.77 43.80 -0.29
N ILE C 535 12.02 43.25 -1.24
CA ILE C 535 12.56 42.61 -2.44
C ILE C 535 11.59 42.93 -3.57
N THR C 536 12.12 43.28 -4.74
CA THR C 536 11.24 43.64 -5.84
C THR C 536 11.88 43.31 -7.18
N LEU C 537 11.05 43.28 -8.21
CA LEU C 537 11.49 43.11 -9.59
C LEU C 537 11.12 44.36 -10.38
N LYS C 538 11.99 44.75 -11.31
CA LYS C 538 11.80 45.93 -12.14
C LYS C 538 12.04 45.55 -13.59
N GLU C 539 11.08 45.89 -14.45
CA GLU C 539 11.24 45.66 -15.88
C GLU C 539 12.22 46.66 -16.46
N VAL C 540 12.89 46.26 -17.53
CA VAL C 540 13.87 47.15 -18.13
C VAL C 540 13.44 47.60 -19.53
N LYS C 541 13.34 46.67 -20.48
CA LYS C 541 13.06 47.06 -21.87
C LYS C 541 11.58 46.97 -22.23
N ASN C 542 11.05 45.74 -22.28
CA ASN C 542 9.68 45.47 -22.74
C ASN C 542 9.26 46.34 -23.92
N THR C 543 10.17 46.59 -24.85
CA THR C 543 9.89 47.54 -25.91
C THR C 543 10.13 46.96 -27.30
N GLU C 544 11.21 46.21 -27.49
CA GLU C 544 11.52 45.66 -28.80
C GLU C 544 10.48 44.61 -29.21
N ASN C 545 10.35 44.42 -30.51
CA ASN C 545 9.45 43.41 -31.06
C ASN C 545 10.27 42.26 -31.63
N VAL C 546 9.80 41.04 -31.39
CA VAL C 546 10.43 39.83 -31.90
C VAL C 546 9.63 39.34 -33.09
N GLU C 547 10.28 39.21 -34.23
CA GLU C 547 9.63 38.67 -35.41
C GLU C 547 9.98 37.19 -35.58
N LEU C 548 9.09 36.49 -36.30
CA LEU C 548 9.24 35.06 -36.54
C LEU C 548 9.66 34.87 -38.00
N GLU C 549 10.86 34.33 -38.19
CA GLU C 549 11.34 33.98 -39.52
C GLU C 549 11.34 32.46 -39.64
N GLU C 550 10.80 31.96 -40.74
CA GLU C 550 10.57 30.53 -40.92
C GLU C 550 11.02 30.11 -42.30
N THR C 551 11.52 28.88 -42.41
CA THR C 551 11.87 28.27 -43.69
C THR C 551 11.44 26.80 -43.62
N GLU C 552 10.31 26.49 -44.24
CA GLU C 552 9.72 25.14 -44.22
C GLU C 552 9.50 24.76 -42.75
N THR C 553 9.98 23.60 -42.30
CA THR C 553 9.70 23.13 -40.94
C THR C 553 10.67 23.79 -39.97
N THR C 554 10.66 25.12 -39.92
CA THR C 554 11.48 25.88 -38.98
C THR C 554 10.67 27.07 -38.48
N LEU C 555 10.91 27.44 -37.23
CA LEU C 555 10.33 28.66 -36.65
C LEU C 555 11.38 29.30 -35.77
N LYS C 556 11.94 30.43 -36.23
CA LYS C 556 12.99 31.13 -35.50
C LYS C 556 12.46 32.46 -34.96
N VAL C 557 13.21 33.02 -34.03
CA VAL C 557 12.98 34.36 -33.50
C VAL C 557 14.23 35.18 -33.78
N LYS C 558 14.06 36.34 -34.43
CA LYS C 558 15.21 37.03 -35.01
C LYS C 558 16.17 37.52 -33.94
N LYS C 559 15.65 38.08 -32.85
CA LYS C 559 16.51 38.74 -31.86
C LYS C 559 15.84 38.61 -30.49
N LEU C 560 16.28 37.63 -29.72
CA LEU C 560 15.82 37.49 -28.34
C LEU C 560 16.69 38.38 -27.46
N ASP C 561 16.05 39.24 -26.66
CA ASP C 561 16.77 40.01 -25.65
C ASP C 561 15.78 40.52 -24.60
N VAL C 562 15.72 39.84 -23.47
CA VAL C 562 14.87 40.26 -22.36
C VAL C 562 15.71 40.27 -21.09
N GLU C 563 15.55 41.32 -20.30
CA GLU C 563 16.38 41.52 -19.12
C GLU C 563 15.56 42.23 -18.06
N TYR C 564 15.53 41.67 -16.85
CA TYR C 564 14.83 42.28 -15.72
C TYR C 564 15.77 42.38 -14.54
N LYS C 565 15.58 43.43 -13.75
CA LYS C 565 16.42 43.71 -12.59
C LYS C 565 15.67 43.25 -11.34
N VAL C 566 16.41 42.77 -10.35
CA VAL C 566 15.85 42.37 -9.06
C VAL C 566 16.55 43.20 -8.01
N GLU C 567 15.79 44.04 -7.32
CA GLU C 567 16.33 44.90 -6.27
C GLU C 567 16.13 44.24 -4.91
N LEU C 568 17.23 44.12 -4.16
CA LEU C 568 17.21 43.54 -2.84
C LEU C 568 17.04 44.56 -1.74
N GLY C 569 17.31 45.84 -2.01
CA GLY C 569 17.19 46.88 -1.01
C GLY C 569 18.06 46.59 0.21
N ASN C 570 17.42 46.22 1.32
CA ASN C 570 18.10 45.78 2.53
C ASN C 570 17.54 44.41 2.89
N PHE C 571 18.10 43.35 2.30
CA PHE C 571 17.72 41.98 2.64
C PHE C 571 18.35 41.65 3.99
N GLU C 572 17.72 42.17 5.03
CA GLU C 572 18.29 42.16 6.37
C GLU C 572 18.22 40.76 6.98
N ILE C 573 19.32 40.32 7.58
CA ILE C 573 19.42 39.02 8.24
C ILE C 573 19.84 39.29 9.68
N LYS C 574 18.88 39.17 10.60
CA LYS C 574 19.08 39.55 12.00
C LYS C 574 20.15 38.68 12.65
N ASN C 575 20.57 39.11 13.85
CA ASN C 575 21.37 38.26 14.70
C ASN C 575 20.48 37.32 15.51
N GLY C 576 21.11 36.36 16.17
CA GLY C 576 20.42 35.34 16.89
C GLY C 576 20.25 34.05 16.12
N LEU C 577 20.27 34.10 14.79
CA LEU C 577 20.14 32.89 13.99
C LEU C 577 21.30 31.94 14.24
N ILE C 578 22.52 32.40 13.92
CA ILE C 578 23.68 31.57 14.22
C ILE C 578 23.89 31.46 15.72
N LYS C 579 23.30 32.38 16.51
CA LYS C 579 23.20 32.15 17.94
C LYS C 579 22.41 30.88 18.23
N ALA C 580 21.28 30.69 17.51
CA ALA C 580 20.50 29.48 17.70
C ALA C 580 21.26 28.25 17.22
N MET C 581 21.97 28.35 16.09
CA MET C 581 22.77 27.21 15.64
C MET C 581 23.89 26.89 16.61
N LEU C 582 24.42 27.91 17.31
CA LEU C 582 25.34 27.65 18.41
C LEU C 582 24.62 26.95 19.56
N GLU C 583 23.39 27.37 19.86
CA GLU C 583 22.60 26.67 20.87
C GLU C 583 22.46 25.20 20.52
N PHE C 584 22.41 24.88 19.23
CA PHE C 584 22.46 23.47 18.82
C PHE C 584 23.77 22.83 19.27
N LEU C 585 24.88 23.55 19.16
CA LEU C 585 26.16 23.02 19.60
C LEU C 585 26.13 22.78 21.10
N PRO C 586 26.85 21.79 21.61
CA PRO C 586 26.79 21.49 23.05
C PRO C 586 27.23 22.68 23.90
N ASP C 587 26.62 22.79 25.08
CA ASP C 587 26.88 23.87 26.01
C ASP C 587 27.78 23.46 27.17
N THR C 588 28.33 22.25 27.15
CA THR C 588 29.16 21.79 28.24
C THR C 588 30.42 22.66 28.36
N LYS C 589 30.84 22.91 29.60
CA LYS C 589 31.98 23.78 29.85
C LYS C 589 33.32 23.12 29.51
N ASP C 590 33.33 21.82 29.24
CA ASP C 590 34.57 21.10 28.98
C ASP C 590 35.13 21.48 27.62
N LEU C 591 36.24 22.20 27.62
CA LEU C 591 36.91 22.61 26.38
C LEU C 591 38.41 22.34 26.36
N GLU C 592 39.05 22.24 27.53
CA GLU C 592 40.50 22.12 27.61
C GLU C 592 41.00 20.86 26.91
N THR C 593 40.44 19.71 27.26
CA THR C 593 40.89 18.45 26.66
C THR C 593 40.57 18.41 25.17
N THR C 594 39.43 18.96 24.77
CA THR C 594 39.08 18.97 23.35
C THR C 594 40.05 19.81 22.54
N LEU C 595 40.44 20.97 23.07
CA LEU C 595 41.43 21.79 22.39
C LEU C 595 42.77 21.07 22.31
N ASP C 596 43.14 20.34 23.38
CA ASP C 596 44.33 19.51 23.29
C ASP C 596 44.21 18.47 22.19
N LYS C 597 43.06 17.81 22.10
CA LYS C 597 42.87 16.75 21.12
C LYS C 597 42.95 17.30 19.70
N LEU C 598 42.44 18.51 19.49
CA LEU C 598 42.54 19.13 18.17
C LEU C 598 43.97 19.56 17.88
N LEU C 599 44.51 20.48 18.67
CA LEU C 599 45.78 21.10 18.32
C LEU C 599 46.95 20.16 18.54
N PHE C 600 46.91 19.33 19.56
CA PHE C 600 48.06 18.54 19.97
C PHE C 600 47.88 17.04 19.75
N LYS C 601 46.80 16.46 20.27
CA LYS C 601 46.61 15.01 20.20
C LYS C 601 46.11 14.59 18.81
N GLY C 602 46.95 14.86 17.81
CA GLY C 602 46.68 14.47 16.45
C GLY C 602 47.51 13.29 16.00
N GLU C 603 47.50 13.06 14.69
CA GLU C 603 48.26 11.95 14.09
C GLU C 603 49.57 12.41 13.48
N SER C 604 49.52 13.34 12.52
CA SER C 604 50.75 13.87 11.93
C SER C 604 51.43 14.86 12.86
N TYR C 605 50.65 15.57 13.68
CA TYR C 605 51.23 16.53 14.63
C TYR C 605 52.20 15.82 15.56
N LYS C 606 51.78 14.67 16.12
CA LYS C 606 52.69 13.85 16.91
C LYS C 606 53.84 13.33 16.05
N ALA C 607 53.63 13.15 14.75
CA ALA C 607 54.74 12.73 13.89
C ALA C 607 55.83 13.79 13.86
N MET C 608 55.48 15.05 13.62
CA MET C 608 56.49 16.10 13.65
C MET C 608 57.09 16.24 15.05
N LYS C 609 56.26 16.08 16.09
CA LYS C 609 56.80 16.15 17.44
C LYS C 609 57.85 15.08 17.69
N ASP C 610 57.57 13.83 17.33
CA ASP C 610 58.58 12.80 17.57
C ASP C 610 59.81 13.02 16.70
N LYS C 611 59.61 13.48 15.46
CA LYS C 611 60.74 13.80 14.60
C LYS C 611 61.65 14.84 15.25
N TYR C 612 61.05 15.89 15.82
CA TYR C 612 61.84 16.95 16.45
C TYR C 612 62.41 16.52 17.80
N ILE C 613 61.76 15.57 18.49
CA ILE C 613 62.33 15.06 19.74
C ILE C 613 63.57 14.24 19.47
N LYS C 614 63.51 13.32 18.51
CA LYS C 614 64.65 12.44 18.28
C LYS C 614 65.81 13.15 17.62
N GLU C 615 65.53 14.12 16.74
CA GLU C 615 66.57 14.82 15.99
C GLU C 615 65.99 16.15 15.54
N GLY C 616 66.71 16.83 14.65
CA GLY C 616 66.25 18.10 14.12
C GLY C 616 66.97 19.28 14.74
N PHE C 617 66.33 20.44 14.63
CA PHE C 617 66.90 21.72 15.06
C PHE C 617 68.28 21.90 14.42
N PRO C 618 68.36 22.16 13.12
CA PRO C 618 69.67 22.26 12.47
C PRO C 618 70.53 23.35 13.10
N GLY C 619 71.81 23.06 13.20
CA GLY C 619 72.76 23.96 13.86
C GLY C 619 72.95 23.68 15.32
N TYR C 620 71.85 23.59 16.08
CA TYR C 620 71.95 23.30 17.51
C TYR C 620 72.32 21.83 17.72
N GLY C 621 71.46 20.92 17.27
CA GLY C 621 71.78 19.50 17.29
C GLY C 621 71.83 18.88 18.67
N TRP C 622 72.84 19.28 19.45
CA TRP C 622 73.08 18.66 20.75
C TRP C 622 72.23 19.24 21.87
N ALA C 623 71.49 20.32 21.61
CA ALA C 623 70.63 20.92 22.63
C ALA C 623 69.28 20.21 22.64
N LYS C 624 69.33 18.94 23.00
CA LYS C 624 68.14 18.09 23.04
C LYS C 624 67.50 18.02 24.41
N GLY C 625 68.27 18.26 25.48
CA GLY C 625 67.70 18.20 26.81
C GLY C 625 66.63 19.25 27.04
N VAL C 626 66.83 20.44 26.49
CA VAL C 626 65.85 21.51 26.64
C VAL C 626 64.81 21.50 25.53
N VAL C 627 64.83 20.50 24.63
CA VAL C 627 63.72 20.33 23.70
C VAL C 627 62.43 20.02 24.46
N PRO C 628 62.41 19.13 25.46
CA PRO C 628 61.27 19.12 26.39
C PRO C 628 61.44 20.19 27.45
N GLY C 629 61.88 21.37 27.02
CA GLY C 629 62.04 22.53 27.88
C GLY C 629 61.51 23.73 27.13
N ALA C 630 61.00 23.46 25.93
CA ALA C 630 60.31 24.45 25.10
C ALA C 630 58.93 24.01 24.69
N PHE C 631 58.74 22.72 24.39
CA PHE C 631 57.40 22.23 24.03
C PHE C 631 56.62 21.80 25.27
N GLU C 632 56.65 22.64 26.29
CA GLU C 632 55.73 22.57 27.42
C GLU C 632 55.17 23.94 27.77
N SER C 633 55.96 25.00 27.63
CA SER C 633 55.52 26.33 28.02
C SER C 633 54.64 26.96 26.95
N ILE C 634 54.90 26.67 25.68
CA ILE C 634 54.04 27.18 24.61
C ILE C 634 52.66 26.57 24.69
N GLU C 635 52.58 25.26 24.91
CA GLU C 635 51.30 24.62 25.16
C GLU C 635 50.68 25.14 26.45
N ASN C 636 51.52 25.45 27.45
CA ASN C 636 51.01 26.05 28.67
C ASN C 636 50.33 27.38 28.38
N THR C 637 50.90 28.18 27.48
CA THR C 637 50.28 29.43 27.08
C THR C 637 48.99 29.18 26.31
N PHE C 638 49.01 28.23 25.37
CA PHE C 638 47.81 27.94 24.61
C PHE C 638 46.68 27.40 25.50
N LYS C 639 47.03 26.80 26.64
CA LYS C 639 46.04 26.24 27.55
C LYS C 639 45.57 27.21 28.62
N SER C 640 46.45 28.10 29.09
CA SER C 640 46.05 29.09 30.09
C SER C 640 45.24 30.23 29.48
N ALA C 641 45.43 30.52 28.19
CA ALA C 641 44.69 31.61 27.57
C ALA C 641 43.20 31.33 27.55
N ILE C 642 42.81 30.08 27.30
CA ILE C 642 41.40 29.72 27.26
C ILE C 642 40.83 29.72 28.68
N ASP C 643 39.57 30.09 28.80
CA ASP C 643 38.89 30.16 30.07
C ASP C 643 38.12 28.87 30.31
N LYS C 644 38.32 28.27 31.49
CA LYS C 644 37.64 27.03 31.81
C LYS C 644 36.13 27.24 31.86
N THR C 645 35.68 28.43 32.29
CA THR C 645 34.26 28.70 32.37
C THR C 645 33.61 28.76 30.99
N LYS C 646 34.36 29.21 29.98
CA LYS C 646 33.80 29.35 28.65
C LYS C 646 33.68 28.00 27.96
N SER C 647 32.88 27.97 26.89
CA SER C 647 32.59 26.75 26.14
C SER C 647 32.92 26.95 24.66
N ILE C 648 32.82 25.85 23.91
CA ILE C 648 33.07 25.90 22.48
C ILE C 648 32.05 26.78 21.75
N ARG C 649 30.85 26.93 22.31
CA ARG C 649 29.90 27.89 21.76
C ARG C 649 30.50 29.29 21.78
N ASP C 650 31.10 29.68 22.90
CA ASP C 650 31.76 30.98 22.98
C ASP C 650 32.93 31.07 22.02
N LEU C 651 33.67 29.97 21.86
CA LEU C 651 34.82 29.96 20.96
C LEU C 651 34.38 30.23 19.53
N PHE C 652 33.30 29.58 19.09
CA PHE C 652 32.78 29.84 17.75
C PHE C 652 32.19 31.24 17.63
N GLY C 653 31.50 31.71 18.67
CA GLY C 653 30.94 33.04 18.64
C GLY C 653 32.01 34.12 18.51
N ASP C 654 33.17 33.90 19.13
CA ASP C 654 34.24 34.89 19.06
C ASP C 654 34.70 35.10 17.62
N MET C 655 34.83 34.02 16.85
CA MET C 655 35.21 34.16 15.45
C MET C 655 34.02 34.51 14.55
N LEU C 656 32.78 34.37 15.04
CA LEU C 656 31.61 34.77 14.27
C LEU C 656 31.05 36.11 14.74
N PHE C 657 30.81 36.28 16.04
CA PHE C 657 30.18 37.49 16.52
C PHE C 657 31.18 38.61 16.76
N GLY C 658 32.37 38.28 17.24
CA GLY C 658 33.24 39.34 17.72
C GLY C 658 32.96 39.59 19.18
N ASN C 659 32.10 40.56 19.46
CA ASN C 659 31.66 40.83 20.82
C ASN C 659 31.12 39.55 21.48
N ASP C 660 31.15 39.53 22.80
CA ASP C 660 30.86 38.32 23.55
C ASP C 660 29.38 37.94 23.47
N LEU C 661 29.12 36.65 23.69
CA LEU C 661 27.75 36.13 23.63
C LEU C 661 26.84 36.85 24.61
N SER C 662 27.38 37.24 25.77
CA SER C 662 26.57 37.92 26.77
C SER C 662 26.11 39.30 26.33
N SER C 663 26.79 39.90 25.35
CA SER C 663 26.47 41.24 24.87
C SER C 663 26.05 41.22 23.40
N VAL C 664 25.21 40.25 23.03
CA VAL C 664 24.71 40.12 21.67
C VAL C 664 23.23 40.50 21.65
N LYS C 665 22.86 41.39 20.73
CA LYS C 665 21.49 41.79 20.51
C LYS C 665 20.99 41.20 19.19
N GLU C 666 19.94 40.38 19.26
CA GLU C 666 19.43 39.72 18.06
C GLU C 666 18.80 40.72 17.09
N THR C 667 18.46 41.92 17.56
CA THR C 667 17.83 42.90 16.68
C THR C 667 18.78 43.38 15.60
N ASP C 668 20.09 43.38 15.87
CA ASP C 668 21.04 43.84 14.88
C ASP C 668 21.23 42.78 13.79
N SER C 669 21.79 43.21 12.67
CA SER C 669 21.98 42.34 11.52
C SER C 669 23.40 41.77 11.49
N PHE C 670 23.51 40.55 10.95
CA PHE C 670 24.79 39.91 10.71
C PHE C 670 25.19 39.98 9.24
N ILE C 671 24.34 39.48 8.36
CA ILE C 671 24.60 39.46 6.92
C ILE C 671 23.79 40.57 6.28
N THR C 672 24.42 41.34 5.40
CA THR C 672 23.75 42.42 4.68
C THR C 672 23.83 42.14 3.19
N LEU C 673 22.67 41.93 2.57
CA LEU C 673 22.55 41.63 1.14
C LEU C 673 21.74 42.76 0.49
N GLY C 674 22.42 43.70 -0.14
CA GLY C 674 21.74 44.82 -0.76
C GLY C 674 22.19 45.03 -2.19
N GLY C 675 21.35 45.72 -2.94
CA GLY C 675 21.66 46.03 -4.32
C GLY C 675 20.64 45.48 -5.29
N SER C 676 21.06 45.28 -6.53
CA SER C 676 20.15 44.82 -7.58
C SER C 676 20.94 44.04 -8.62
N PHE C 677 20.46 42.85 -8.94
CA PHE C 677 21.10 41.97 -9.91
C PHE C 677 20.18 41.71 -11.08
N ASP C 678 20.75 41.59 -12.27
CA ASP C 678 19.99 41.58 -13.51
C ASP C 678 20.04 40.22 -14.19
N ILE C 679 19.01 39.94 -14.98
CA ILE C 679 18.94 38.75 -15.81
C ILE C 679 18.74 39.20 -17.25
N LYS C 680 19.57 38.70 -18.16
CA LYS C 680 19.65 39.21 -19.52
C LYS C 680 19.42 38.10 -20.54
N TYR C 681 18.34 37.34 -20.38
CA TYR C 681 18.00 36.31 -21.37
C TYR C 681 17.95 36.91 -22.77
N GLY C 682 18.71 36.33 -23.69
CA GLY C 682 18.78 36.88 -25.02
C GLY C 682 19.28 35.86 -26.03
N GLY C 683 19.25 36.26 -27.29
CA GLY C 683 19.74 35.42 -28.37
C GLY C 683 19.25 35.91 -29.72
N GLU C 684 19.61 35.14 -30.75
CA GLU C 684 19.21 35.42 -32.12
C GLU C 684 18.97 34.12 -32.86
N ASN C 685 17.87 34.06 -33.61
CA ASN C 685 17.54 32.92 -34.47
C ASN C 685 17.45 31.63 -33.66
N LEU C 686 16.49 31.61 -32.74
CA LEU C 686 16.24 30.47 -31.87
C LEU C 686 14.98 29.75 -32.30
N ASN C 687 15.05 28.43 -32.39
CA ASN C 687 13.94 27.64 -32.91
C ASN C 687 12.88 27.42 -31.84
N VAL C 688 11.63 27.36 -32.28
CA VAL C 688 10.49 27.13 -31.40
C VAL C 688 9.98 25.73 -31.66
N LEU C 689 9.84 24.94 -30.59
CA LEU C 689 9.38 23.57 -30.73
C LEU C 689 8.16 23.35 -29.85
N PRO C 690 7.37 22.31 -30.14
CA PRO C 690 6.30 21.96 -29.22
C PRO C 690 6.84 21.18 -28.03
N ALA C 691 6.40 21.57 -26.83
CA ALA C 691 6.80 20.90 -25.61
C ALA C 691 5.60 20.18 -24.99
N TYR C 692 5.87 19.06 -24.33
CA TYR C 692 4.84 18.07 -24.06
C TYR C 692 4.83 17.70 -22.58
N TYR C 693 3.75 17.02 -22.19
CA TYR C 693 3.65 16.27 -20.94
C TYR C 693 4.23 14.86 -21.12
N SER C 694 3.92 13.95 -20.20
CA SER C 694 4.49 12.61 -20.17
C SER C 694 3.64 11.57 -20.89
N LEU C 695 2.32 11.71 -20.88
CA LEU C 695 1.44 10.70 -21.46
C LEU C 695 0.60 11.29 -22.58
N ILE C 696 -0.24 10.43 -23.18
CA ILE C 696 -1.05 10.84 -24.33
C ILE C 696 -1.99 11.97 -23.93
N ASN C 697 -2.09 12.98 -24.78
CA ASN C 697 -2.91 14.14 -24.46
C ASN C 697 -3.34 14.84 -25.75
N SER C 698 -4.39 15.64 -25.63
CA SER C 698 -4.83 16.55 -26.66
C SER C 698 -4.06 17.88 -26.62
N GLU C 699 -3.99 18.51 -25.45
CA GLU C 699 -3.37 19.83 -25.37
C GLU C 699 -1.86 19.73 -25.24
N ILE C 700 -1.18 20.75 -25.77
CA ILE C 700 0.26 20.79 -25.90
C ILE C 700 0.74 22.17 -25.44
N GLY C 701 2.05 22.30 -25.21
CA GLY C 701 2.64 23.61 -25.02
C GLY C 701 3.81 23.83 -25.95
N TYR C 702 4.68 24.81 -25.69
CA TYR C 702 5.80 25.03 -26.59
C TYR C 702 7.01 25.52 -25.81
N GLN C 703 8.12 25.68 -26.53
CA GLN C 703 9.36 26.10 -25.90
C GLN C 703 10.27 26.75 -26.93
N ILE C 704 11.18 27.58 -26.44
CA ILE C 704 12.22 28.21 -27.23
C ILE C 704 13.53 27.56 -26.83
N ILE C 705 14.33 27.19 -27.83
CA ILE C 705 15.45 26.28 -27.64
C ILE C 705 16.73 27.04 -27.39
N GLY C 706 17.53 26.54 -26.45
CA GLY C 706 18.90 26.97 -26.27
C GLY C 706 19.12 28.45 -26.03
N VAL C 707 18.32 29.03 -25.14
CA VAL C 707 18.48 30.45 -24.81
C VAL C 707 19.83 30.66 -24.14
N ASP C 708 20.52 31.73 -24.54
CA ASP C 708 21.81 32.08 -23.93
C ASP C 708 21.52 32.88 -22.67
N THR C 709 21.33 32.19 -21.55
CA THR C 709 21.00 32.83 -20.29
C THR C 709 22.28 33.37 -19.66
N THR C 710 22.29 34.65 -19.33
CA THR C 710 23.39 35.24 -18.58
C THR C 710 22.81 35.97 -17.37
N ILE C 711 23.39 35.70 -16.21
CA ILE C 711 22.97 36.34 -14.97
C ILE C 711 24.22 36.86 -14.28
N ASP C 712 24.18 38.14 -13.91
CA ASP C 712 25.34 38.82 -13.36
C ASP C 712 24.94 39.60 -12.12
N ALA C 713 25.68 39.37 -11.03
CA ALA C 713 25.49 40.12 -9.80
C ALA C 713 26.55 41.19 -9.61
N THR C 714 27.02 41.79 -10.71
CA THR C 714 27.87 42.96 -10.58
C THR C 714 27.07 44.11 -9.99
N LYS C 715 27.75 44.97 -9.24
CA LYS C 715 27.14 46.07 -8.51
C LYS C 715 26.11 45.56 -7.50
N VAL C 716 26.56 44.68 -6.61
CA VAL C 716 25.79 44.24 -5.45
C VAL C 716 26.71 44.33 -4.24
N LYS C 717 26.13 44.58 -3.07
CA LYS C 717 26.90 44.65 -1.84
C LYS C 717 26.47 43.54 -0.89
N VAL C 718 27.43 42.80 -0.38
CA VAL C 718 27.22 41.67 0.53
C VAL C 718 28.25 41.81 1.64
N GLU C 719 27.83 42.36 2.78
CA GLU C 719 28.77 42.73 3.83
C GLU C 719 28.36 42.14 5.18
N LEU C 720 29.21 42.40 6.17
CA LEU C 720 28.94 42.11 7.57
C LEU C 720 28.69 43.43 8.29
N LYS C 721 27.60 43.49 9.04
CA LYS C 721 27.29 44.72 9.78
C LYS C 721 28.37 45.02 10.80
N ASN C 722 28.85 44.00 11.51
CA ASN C 722 29.94 44.16 12.48
C ASN C 722 31.22 43.62 11.86
N LYS C 723 31.87 44.48 11.06
CA LYS C 723 33.12 44.09 10.42
C LYS C 723 34.27 44.09 11.44
N GLU C 724 34.31 45.09 12.31
CA GLU C 724 35.36 45.24 13.30
C GLU C 724 34.98 44.50 14.58
N TYR C 725 35.92 43.76 15.15
CA TYR C 725 35.61 42.96 16.32
C TYR C 725 35.42 43.86 17.54
N LYS C 726 34.77 43.28 18.57
CA LYS C 726 34.44 44.02 19.77
C LYS C 726 34.69 43.22 21.05
N GLY C 727 35.19 42.00 20.95
CA GLY C 727 35.28 41.10 22.08
C GLY C 727 36.11 41.62 23.24
N LYS C 728 35.43 41.97 24.34
CA LYS C 728 36.15 42.39 25.54
C LYS C 728 36.75 41.20 26.27
N SER C 729 36.12 40.03 26.19
CA SER C 729 36.59 38.81 26.85
C SER C 729 36.64 37.68 25.82
N PRO C 730 37.63 37.68 24.94
CA PRO C 730 37.78 36.58 23.99
C PRO C 730 38.20 35.29 24.68
N ALA C 731 37.95 34.17 23.99
CA ALA C 731 38.26 32.87 24.55
C ALA C 731 39.76 32.68 24.75
N ILE C 732 40.57 33.14 23.79
CA ILE C 732 42.00 32.91 23.81
C ILE C 732 42.66 34.27 24.02
N ASN C 733 42.00 35.12 24.81
CA ASN C 733 42.52 36.46 25.08
C ASN C 733 43.90 36.39 25.74
N GLY C 734 44.58 37.53 25.73
CA GLY C 734 45.93 37.65 26.24
C GLY C 734 46.90 38.03 25.16
N GLN C 735 48.19 38.02 25.53
CA GLN C 735 49.24 38.30 24.56
C GLN C 735 49.24 37.30 23.42
N VAL C 736 48.65 36.13 23.62
CA VAL C 736 48.59 35.07 22.62
C VAL C 736 47.19 35.08 22.04
N LYS C 737 46.59 36.27 21.98
CA LYS C 737 45.29 36.42 21.34
C LYS C 737 45.30 35.85 19.92
N LEU C 738 44.48 34.82 19.70
CA LEU C 738 44.21 34.32 18.36
C LEU C 738 42.78 34.51 17.90
N SER C 739 41.86 34.86 18.81
CA SER C 739 40.46 34.99 18.43
C SER C 739 40.27 36.08 17.38
N GLN C 740 40.94 37.22 17.55
CA GLN C 740 40.80 38.29 16.57
C GLN C 740 41.42 37.88 15.25
N SER C 741 42.49 37.09 15.27
CA SER C 741 43.06 36.56 14.04
C SER C 741 42.07 35.63 13.34
N PHE C 742 41.38 34.80 14.12
CA PHE C 742 40.34 33.96 13.55
C PHE C 742 39.24 34.81 12.92
N PHE C 743 38.84 35.88 13.61
CA PHE C 743 37.83 36.77 13.04
C PHE C 743 38.31 37.38 11.73
N ASN C 744 39.57 37.83 11.69
CA ASN C 744 40.10 38.46 10.49
C ASN C 744 40.15 37.47 9.33
N VAL C 745 40.65 36.26 9.59
CA VAL C 745 40.75 35.28 8.51
C VAL C 745 39.36 34.85 8.06
N TRP C 746 38.39 34.79 8.98
CA TRP C 746 37.02 34.53 8.58
C TRP C 746 36.50 35.61 7.64
N THR C 747 36.80 36.87 7.96
CA THR C 747 36.37 37.97 7.11
C THR C 747 37.01 37.88 5.73
N ASN C 748 38.31 37.59 5.69
CA ASN C 748 38.99 37.48 4.41
C ASN C 748 38.45 36.34 3.58
N MET C 749 38.22 35.17 4.21
CA MET C 749 37.66 34.04 3.49
C MET C 749 36.26 34.35 2.98
N PHE C 750 35.45 35.04 3.80
CA PHE C 750 34.13 35.44 3.35
C PHE C 750 34.22 36.36 2.14
N ASP C 751 35.12 37.34 2.20
CA ASP C 751 35.28 38.25 1.06
C ASP C 751 35.68 37.49 -0.19
N SER C 752 36.64 36.57 -0.06
CA SER C 752 37.10 35.81 -1.22
C SER C 752 35.99 34.94 -1.79
N ILE C 753 35.25 34.24 -0.93
CA ILE C 753 34.24 33.31 -1.41
C ILE C 753 33.06 34.07 -2.03
N THR C 754 32.70 35.22 -1.45
CA THR C 754 31.70 36.07 -2.10
C THR C 754 32.21 36.60 -3.42
N LYS C 755 33.52 36.79 -3.55
CA LYS C 755 34.06 37.05 -4.88
C LYS C 755 33.98 35.81 -5.78
N GLN C 756 33.72 34.63 -5.21
CA GLN C 756 33.65 33.40 -5.98
C GLN C 756 32.25 32.78 -5.98
N ILE C 757 31.72 32.44 -4.80
CA ILE C 757 30.41 31.80 -4.78
C ILE C 757 29.30 32.83 -5.03
N PHE C 758 29.49 34.06 -4.57
CA PHE C 758 28.65 35.18 -5.00
C PHE C 758 29.24 35.71 -6.29
N GLN C 759 28.86 36.93 -6.69
CA GLN C 759 28.91 37.39 -8.07
C GLN C 759 30.14 36.88 -8.82
N LYS C 760 29.88 36.12 -9.90
CA LYS C 760 30.95 35.56 -10.71
C LYS C 760 30.59 35.55 -12.20
N LYS C 761 29.59 36.34 -12.61
CA LYS C 761 29.18 36.44 -14.02
C LYS C 761 28.77 35.06 -14.56
N TYR C 762 27.67 34.57 -14.01
CA TYR C 762 27.20 33.23 -14.35
C TYR C 762 26.58 33.20 -15.75
N GLU C 763 26.91 32.13 -16.47
CA GLU C 763 26.44 31.91 -17.83
C GLU C 763 25.87 30.49 -17.91
N PHE C 764 24.77 30.34 -18.63
CA PHE C 764 24.06 29.06 -18.67
C PHE C 764 23.21 29.03 -19.93
N LYS C 765 22.72 27.84 -20.27
CA LYS C 765 21.83 27.69 -21.41
C LYS C 765 20.84 26.58 -21.12
N ASP C 766 19.57 26.83 -21.43
CA ASP C 766 18.53 25.82 -21.31
C ASP C 766 17.50 26.08 -22.40
N ASN C 767 16.31 25.49 -22.25
CA ASN C 767 15.25 25.57 -23.26
C ASN C 767 14.00 26.06 -22.54
N ILE C 768 13.70 27.34 -22.68
CA ILE C 768 12.60 27.92 -21.93
C ILE C 768 11.29 27.34 -22.43
N GLN C 769 10.58 26.64 -21.56
CA GLN C 769 9.33 26.00 -21.92
C GLN C 769 8.15 26.68 -21.23
N VAL C 770 7.10 26.97 -22.00
CA VAL C 770 5.87 27.57 -21.48
C VAL C 770 4.69 26.87 -22.13
N PHE C 771 3.68 26.59 -21.32
CA PHE C 771 2.45 25.95 -21.79
C PHE C 771 1.36 27.00 -21.64
N ALA C 772 1.24 27.86 -22.64
CA ALA C 772 0.38 29.03 -22.52
C ALA C 772 -1.08 28.61 -22.43
N ARG C 773 -1.79 29.15 -21.45
CA ARG C 773 -3.14 28.73 -21.11
C ARG C 773 -4.06 29.95 -21.06
N ASN C 774 -5.26 29.79 -21.62
CA ASN C 774 -6.24 30.87 -21.64
C ASN C 774 -6.86 31.05 -20.25
N GLU C 775 -7.87 31.92 -20.18
CA GLU C 775 -8.52 32.19 -18.90
C GLU C 775 -9.40 31.02 -18.46
N ASP C 776 -10.21 30.48 -19.36
CA ASP C 776 -11.14 29.42 -19.03
C ASP C 776 -10.58 28.04 -19.37
N ASN C 777 -9.36 27.75 -18.93
CA ASN C 777 -8.74 26.43 -19.08
C ASN C 777 -8.80 25.93 -20.52
N THR C 778 -8.41 26.81 -21.46
CA THR C 778 -8.49 26.54 -22.89
C THR C 778 -7.18 26.94 -23.58
N SER C 779 -6.06 26.44 -23.07
CA SER C 779 -4.74 26.69 -23.66
C SER C 779 -4.76 26.54 -25.18
N ARG C 780 -3.95 27.36 -25.86
CA ARG C 780 -4.08 27.50 -27.31
C ARG C 780 -3.44 26.37 -28.10
N LEU C 781 -2.60 25.53 -27.51
CA LEU C 781 -1.90 24.49 -28.26
C LEU C 781 -2.49 23.14 -27.90
N GLU C 782 -3.11 22.49 -28.88
CA GLU C 782 -3.78 21.22 -28.65
C GLU C 782 -4.01 20.53 -29.99
N LEU C 783 -4.52 19.32 -29.93
CA LEU C 783 -4.89 18.55 -31.11
C LEU C 783 -6.17 17.77 -30.82
N ASP C 784 -6.83 17.34 -31.89
CA ASP C 784 -8.10 16.63 -31.75
C ASP C 784 -7.91 15.25 -31.13
N ILE C 785 -6.71 14.67 -31.26
CA ILE C 785 -6.37 13.31 -30.85
C ILE C 785 -7.52 12.35 -31.11
N SER C 786 -8.15 12.49 -32.26
CA SER C 786 -9.16 11.55 -32.75
C SER C 786 -8.79 10.96 -34.10
N ASP C 787 -8.13 11.73 -34.95
CA ASP C 787 -7.60 11.21 -36.20
C ASP C 787 -6.26 10.51 -35.95
N PRO C 788 -5.94 9.50 -36.76
CA PRO C 788 -4.70 8.75 -36.50
C PRO C 788 -3.46 9.45 -37.05
N GLU C 789 -3.36 10.75 -36.82
CA GLU C 789 -2.16 11.49 -37.14
C GLU C 789 -1.79 12.54 -36.10
N GLN C 790 -2.64 12.81 -35.12
CA GLN C 790 -2.38 13.83 -34.11
C GLN C 790 -1.99 13.25 -32.77
N ARG C 791 -1.59 11.99 -32.71
CA ARG C 791 -1.25 11.35 -31.45
C ARG C 791 0.26 11.36 -31.25
N VAL C 792 0.70 11.92 -30.12
CA VAL C 792 2.11 12.07 -29.80
C VAL C 792 2.41 11.20 -28.59
N ILE C 793 3.35 10.28 -28.74
CA ILE C 793 3.65 9.32 -27.67
C ILE C 793 4.96 9.72 -27.02
N PRO C 794 4.94 10.40 -25.88
CA PRO C 794 6.19 10.91 -25.29
C PRO C 794 7.16 9.82 -24.88
N PHE C 795 6.68 8.60 -24.63
CA PHE C 795 7.52 7.54 -24.09
C PHE C 795 7.91 6.49 -25.13
N ALA C 796 7.52 6.66 -26.38
CA ALA C 796 7.89 5.71 -27.41
C ALA C 796 9.38 5.79 -27.71
N PHE C 797 10.00 4.64 -27.90
CA PHE C 797 11.43 4.61 -28.19
C PHE C 797 11.70 5.21 -29.56
N VAL C 798 12.87 5.83 -29.70
CA VAL C 798 13.21 6.52 -30.95
C VAL C 798 13.45 5.47 -32.02
N ASP C 799 12.52 5.36 -32.97
CA ASP C 799 12.62 4.37 -34.03
C ASP C 799 13.86 4.57 -34.89
N GLY C 800 14.35 5.81 -35.01
CA GLY C 800 15.57 6.05 -35.75
C GLY C 800 16.81 5.46 -35.12
N PHE C 801 16.69 4.88 -33.92
CA PHE C 801 17.83 4.29 -33.24
C PHE C 801 17.91 2.77 -33.42
N GLY C 802 16.84 2.13 -33.90
CA GLY C 802 16.90 0.73 -34.28
C GLY C 802 16.03 -0.22 -33.50
N ILE C 803 14.97 -0.73 -34.13
CA ILE C 803 14.08 -1.75 -33.56
C ILE C 803 13.70 -2.73 -34.66
N GLN C 804 13.69 -4.02 -34.33
CA GLN C 804 13.25 -5.06 -35.25
C GLN C 804 12.26 -5.99 -34.55
N LEU C 805 11.28 -6.46 -35.32
CA LEU C 805 10.24 -7.34 -34.79
C LEU C 805 10.74 -8.79 -34.86
N LYS C 806 11.64 -9.11 -33.94
CA LYS C 806 12.14 -10.46 -33.73
C LYS C 806 12.87 -10.49 -32.41
N ALA C 807 12.90 -11.67 -31.79
CA ALA C 807 13.59 -11.86 -30.52
C ALA C 807 15.09 -11.76 -30.75
N VAL C 808 15.65 -10.59 -30.48
CA VAL C 808 17.08 -10.33 -30.59
C VAL C 808 17.58 -10.64 -32.00
N ASP C 809 16.72 -10.45 -32.99
CA ASP C 809 17.10 -10.68 -34.38
C ASP C 809 16.27 -9.83 -35.33
N LEU D 595 71.45 37.80 21.10
CA LEU D 595 70.93 36.43 21.19
C LEU D 595 69.82 36.21 20.18
N ASP D 596 69.06 37.28 19.90
CA ASP D 596 68.03 37.20 18.86
C ASP D 596 68.68 36.89 17.52
N LYS D 597 69.81 37.54 17.23
CA LYS D 597 70.58 37.20 16.04
C LYS D 597 71.01 35.73 16.06
N LEU D 598 71.46 35.25 17.22
CA LEU D 598 71.88 33.86 17.34
C LEU D 598 70.71 32.91 17.14
N LEU D 599 69.57 33.19 17.81
CA LEU D 599 68.47 32.25 17.80
C LEU D 599 67.58 32.42 16.57
N PHE D 600 67.24 33.67 16.23
CA PHE D 600 66.27 33.94 15.18
C PHE D 600 66.90 34.47 13.90
N LYS D 601 67.68 35.54 13.98
CA LYS D 601 68.25 36.15 12.78
C LYS D 601 69.45 35.33 12.27
N GLY D 602 69.15 34.08 11.90
CA GLY D 602 70.13 33.18 11.34
C GLY D 602 69.96 33.04 9.84
N GLU D 603 70.49 31.94 9.31
CA GLU D 603 70.31 31.62 7.89
C GLU D 603 69.28 30.52 7.67
N SER D 604 69.33 29.43 8.43
CA SER D 604 68.36 28.36 8.26
C SER D 604 67.00 28.73 8.83
N TYR D 605 66.99 29.37 10.01
CA TYR D 605 65.72 29.76 10.61
C TYR D 605 64.94 30.66 9.66
N LYS D 606 65.62 31.67 9.10
CA LYS D 606 65.02 32.46 8.03
C LYS D 606 64.70 31.61 6.81
N ALA D 607 65.42 30.51 6.61
CA ALA D 607 65.19 29.69 5.42
C ALA D 607 63.84 28.98 5.48
N MET D 608 63.43 28.51 6.67
CA MET D 608 62.11 27.87 6.70
C MET D 608 61.01 28.78 7.23
N LYS D 609 61.32 29.89 7.90
CA LYS D 609 60.24 30.72 8.44
C LYS D 609 59.44 31.36 7.31
N ASP D 610 60.11 31.72 6.22
CA ASP D 610 59.40 32.34 5.10
C ASP D 610 58.43 31.36 4.44
N LYS D 611 58.84 30.10 4.28
CA LYS D 611 57.95 29.12 3.67
C LYS D 611 56.90 28.60 4.64
N TYR D 612 57.10 28.81 5.95
CA TYR D 612 55.97 28.70 6.87
C TYR D 612 55.04 29.90 6.79
N ILE D 613 55.58 31.08 6.47
CA ILE D 613 54.74 32.27 6.35
C ILE D 613 53.84 32.16 5.13
N LYS D 614 54.41 31.77 3.98
CA LYS D 614 53.64 31.72 2.75
C LYS D 614 52.74 30.50 2.68
N GLU D 615 53.14 29.39 3.28
CA GLU D 615 52.37 28.15 3.20
C GLU D 615 52.76 27.28 4.38
N GLY D 616 52.37 26.01 4.34
CA GLY D 616 52.68 25.08 5.40
C GLY D 616 51.51 24.82 6.33
N PHE D 617 51.85 24.34 7.53
CA PHE D 617 50.86 23.99 8.54
C PHE D 617 49.80 23.05 7.96
N PRO D 618 50.14 21.78 7.77
CA PRO D 618 49.20 20.86 7.12
C PRO D 618 47.88 20.78 7.87
N GLY D 619 46.80 20.64 7.12
CA GLY D 619 45.46 20.60 7.66
C GLY D 619 44.83 21.96 7.85
N TYR D 620 45.60 22.92 8.36
CA TYR D 620 45.07 24.27 8.55
C TYR D 620 45.05 25.03 7.22
N GLY D 621 46.22 25.24 6.62
CA GLY D 621 46.31 25.71 5.26
C GLY D 621 45.89 27.15 5.04
N TRP D 622 44.59 27.42 5.14
CA TRP D 622 44.09 28.76 4.91
C TRP D 622 44.27 29.68 6.10
N ALA D 623 44.71 29.13 7.24
CA ALA D 623 45.01 29.95 8.42
C ALA D 623 46.41 30.56 8.28
N LYS D 624 46.63 31.22 7.14
CA LYS D 624 47.88 31.93 6.94
C LYS D 624 47.94 33.21 7.77
N GLY D 625 46.79 33.82 8.05
CA GLY D 625 46.77 35.03 8.85
C GLY D 625 47.24 34.80 10.27
N VAL D 626 46.95 33.64 10.85
CA VAL D 626 47.38 33.37 12.22
C VAL D 626 48.83 32.98 12.31
N VAL D 627 49.49 32.76 11.17
CA VAL D 627 50.91 32.39 11.20
C VAL D 627 51.75 33.47 11.87
N PRO D 628 51.61 34.77 11.54
CA PRO D 628 52.26 35.80 12.38
C PRO D 628 51.40 36.14 13.58
N GLY D 629 50.77 35.11 14.15
CA GLY D 629 49.98 35.23 15.36
C GLY D 629 50.45 34.17 16.31
N ALA D 630 51.32 33.30 15.80
CA ALA D 630 52.02 32.31 16.58
C ALA D 630 53.52 32.52 16.62
N PHE D 631 54.12 33.02 15.55
CA PHE D 631 55.55 33.30 15.55
C PHE D 631 55.84 34.74 15.95
N GLU D 632 55.20 35.19 17.03
CA GLU D 632 55.67 36.36 17.76
C GLU D 632 55.61 36.03 19.24
N SER D 633 54.66 35.16 19.61
CA SER D 633 54.49 34.80 21.01
C SER D 633 55.71 34.08 21.55
N ILE D 634 56.26 33.14 20.78
CA ILE D 634 57.45 32.42 21.23
C ILE D 634 58.64 33.38 21.32
N GLU D 635 58.73 34.32 20.38
CA GLU D 635 59.75 35.36 20.46
C GLU D 635 59.56 36.21 21.70
N ASN D 636 58.31 36.58 22.02
CA ASN D 636 58.07 37.38 23.20
C ASN D 636 58.46 36.63 24.47
N THR D 637 58.11 35.34 24.54
CA THR D 637 58.51 34.54 25.70
C THR D 637 60.02 34.46 25.83
N PHE D 638 60.71 34.21 24.72
CA PHE D 638 62.16 34.06 24.79
C PHE D 638 62.83 35.38 25.17
N LYS D 639 62.34 36.49 24.64
CA LYS D 639 62.90 37.80 25.03
C LYS D 639 62.60 38.13 26.48
N SER D 640 61.40 37.78 26.95
CA SER D 640 61.05 38.05 28.34
C SER D 640 61.80 37.14 29.30
N ALA D 641 62.24 35.97 28.84
CA ALA D 641 62.96 35.03 29.69
C ALA D 641 64.35 35.55 30.03
#